data_1UWG
#
_entry.id   1UWG
#
_cell.length_a   68.470
_cell.length_b   97.920
_cell.length_c   70.880
_cell.angle_alpha   90.00
_cell.angle_beta   99.28
_cell.angle_gamma   90.00
#
_symmetry.space_group_name_H-M   'P 1 21 1'
#
loop_
_entity.id
_entity.type
_entity.pdbx_description
1 polymer 'ANTIBODY 14D9'
2 polymer 'ANTIBODY 14D9'
3 non-polymer 1-(4-{[(2-HYDROXYETHYL)AMINO]CARBONYL}BENZYL)-1-METHYLPIPERIDINIUM
4 non-polymer 'PHOSPHATE ION'
5 water water
#
loop_
_entity_poly.entity_id
_entity_poly.type
_entity_poly.pdbx_seq_one_letter_code
_entity_poly.pdbx_strand_id
1 'polypeptide(L)'
;QVQLLESGPELVEPGASVKVSCKASAYSITDFNIYWVKQSHGKNLEWIGGIDPHNGGPVYNQKFNGKATLTVDKSSSTAF
MHLNSLTSEDSAVYYCAIFYGNFFDYWGPGTTVTVSSASTKGPSVFPLAPSSKSTSGGTAALGCLVKDYFPEPVTVSWNS
GALTSGVHTFPAVLQSSGLYSLSSVVTVPSSSLGTQTYICNVNHKPSNTKVDKKVEPKSCDKTHT
;
H,Y
2 'polypeptide(L)'
;ELVMTQSPKFMSTSVGDRVSVTCKASQNVGTHVAWYQQKPGQSPKTLIYSASYRYSGVPDRFTGSGSGTDFTLTIRDVQS
EDAAEYFCQQYNLFPVTFGGGTKLEIKRTVAAPSVFIFPPSDEQLKSGTASVVCLLNNFYPREAAVAWKVDNALQSGNSQ
ESVTEQDSADSTYSLSSTLTLSKADYEKHKVYACEVTHQGLSSPVTKSFNRGE
;
L,X
#
loop_
_chem_comp.id
_chem_comp.type
_chem_comp.name
_chem_comp.formula
KHA non-polymer 1-(4-{[(2-HYDROXYETHYL)AMINO]CARBONYL}BENZYL)-1-METHYLPIPERIDINIUM 'C16 H25 N2 O2 1'
PO4 non-polymer 'PHOSPHATE ION' 'O4 P -3'
#
# COMPACT_ATOMS: atom_id res chain seq x y z
N GLN A 3 -31.29 -14.01 8.29
CA GLN A 3 -32.77 -14.14 8.44
C GLN A 3 -33.54 -12.84 8.11
N LEU A 4 -32.85 -11.87 7.50
CA LEU A 4 -33.49 -10.59 7.19
C LEU A 4 -33.59 -10.28 5.70
N LEU A 5 -34.75 -9.76 5.31
CA LEU A 5 -34.99 -9.36 3.93
C LEU A 5 -35.12 -7.84 3.91
N GLU A 6 -34.75 -7.23 2.78
CA GLU A 6 -34.82 -5.78 2.61
C GLU A 6 -35.35 -5.47 1.21
N SER A 7 -36.03 -4.32 1.06
CA SER A 7 -36.55 -3.97 -0.26
C SER A 7 -35.40 -3.90 -1.29
N GLY A 8 -35.71 -4.14 -2.56
CA GLY A 8 -34.70 -4.23 -3.60
C GLY A 8 -33.90 -2.96 -3.81
N PRO A 9 -32.90 -3.02 -4.69
CA PRO A 9 -32.10 -1.85 -5.06
C PRO A 9 -32.99 -0.72 -5.62
N GLU A 10 -32.49 0.50 -5.65
CA GLU A 10 -33.33 1.61 -6.09
C GLU A 10 -32.57 2.66 -6.90
N LEU A 11 -33.25 3.17 -7.92
CA LEU A 11 -32.76 4.30 -8.68
C LEU A 11 -33.82 5.38 -8.54
N VAL A 12 -33.49 6.42 -7.77
CA VAL A 12 -34.45 7.47 -7.48
C VAL A 12 -33.98 8.82 -8.02
N GLU A 13 -34.87 9.52 -8.72
CA GLU A 13 -34.56 10.84 -9.27
C GLU A 13 -34.28 11.84 -8.14
N PRO A 14 -33.34 12.75 -8.34
CA PRO A 14 -33.05 13.77 -7.32
C PRO A 14 -34.31 14.53 -6.89
N GLY A 15 -34.42 14.86 -5.60
CA GLY A 15 -35.55 15.61 -5.12
C GLY A 15 -36.75 14.75 -4.82
N ALA A 16 -36.81 13.58 -5.44
CA ALA A 16 -37.89 12.62 -5.20
C ALA A 16 -37.64 11.90 -3.87
N SER A 17 -38.44 10.89 -3.57
CA SER A 17 -38.31 10.19 -2.29
C SER A 17 -38.21 8.67 -2.40
N VAL A 18 -38.00 8.00 -1.28
CA VAL A 18 -37.88 6.54 -1.28
C VAL A 18 -38.16 5.88 0.08
N LYS A 19 -39.01 4.87 0.10
CA LYS A 19 -39.31 4.15 1.32
C LYS A 19 -38.73 2.73 1.26
N VAL A 20 -37.82 2.43 2.18
CA VAL A 20 -37.19 1.11 2.25
C VAL A 20 -37.84 0.23 3.33
N SER A 21 -38.10 -1.02 2.97
CA SER A 21 -38.77 -1.95 3.86
C SER A 21 -37.77 -2.93 4.43
N CYS A 22 -38.16 -3.61 5.50
CA CYS A 22 -37.28 -4.57 6.13
C CYS A 22 -38.12 -5.41 7.08
N LYS A 23 -37.98 -6.72 6.91
CA LYS A 23 -38.89 -7.67 7.55
C LYS A 23 -38.15 -8.99 7.78
N ALA A 24 -38.48 -9.68 8.86
CA ALA A 24 -37.82 -10.96 9.16
C ALA A 24 -38.65 -12.14 8.67
N SER A 25 -37.97 -13.26 8.47
CA SER A 25 -38.60 -14.46 7.93
C SER A 25 -39.35 -15.32 8.95
N ALA A 26 -38.72 -15.65 10.08
CA ALA A 26 -39.35 -16.56 11.04
C ALA A 26 -39.70 -15.91 12.39
N TYR A 27 -39.47 -14.62 12.52
CA TYR A 27 -39.82 -13.95 13.76
C TYR A 27 -40.15 -12.50 13.49
N SER A 28 -40.67 -11.81 14.49
CA SER A 28 -40.99 -10.40 14.34
C SER A 28 -39.80 -9.57 14.77
N ILE A 29 -39.30 -8.73 13.86
CA ILE A 29 -38.21 -7.84 14.21
C ILE A 29 -38.75 -6.75 15.14
N THR A 30 -40.06 -6.51 15.03
CA THR A 30 -40.76 -5.49 15.80
C THR A 30 -40.84 -5.74 17.31
N ASP A 31 -40.50 -6.94 17.78
CA ASP A 31 -40.39 -7.15 19.23
C ASP A 31 -38.95 -7.08 19.72
N PHE A 32 -38.06 -6.64 18.84
CA PHE A 32 -36.66 -6.37 19.18
C PHE A 32 -36.34 -4.92 18.78
N ASN A 33 -35.20 -4.43 19.21
CA ASN A 33 -34.78 -3.10 18.80
C ASN A 33 -34.43 -3.15 17.31
N ILE A 34 -34.67 -2.05 16.60
CA ILE A 34 -34.39 -2.00 15.19
C ILE A 34 -33.76 -0.66 14.96
N TYR A 35 -32.66 -0.67 14.20
CA TYR A 35 -32.01 0.56 13.80
C TYR A 35 -31.50 0.46 12.37
N TRP A 36 -31.16 1.61 11.80
CA TRP A 36 -30.70 1.70 10.43
C TRP A 36 -29.32 2.33 10.40
N VAL A 37 -28.51 1.91 9.46
CA VAL A 37 -27.14 2.41 9.33
C VAL A 37 -26.81 2.70 7.87
N LYS A 38 -26.20 3.84 7.61
CA LYS A 38 -25.86 4.24 6.24
C LYS A 38 -24.37 4.10 5.95
N GLN A 39 -24.05 3.48 4.81
CA GLN A 39 -22.65 3.27 4.40
C GLN A 39 -22.38 4.00 3.09
N SER A 40 -21.43 4.94 3.09
CA SER A 40 -21.21 5.76 1.90
C SER A 40 -19.79 5.84 1.37
N HIS A 41 -19.32 7.07 1.22
CA HIS A 41 -18.04 7.38 0.56
C HIS A 41 -17.02 6.30 0.84
N GLY A 42 -16.94 5.38 -0.13
CA GLY A 42 -16.16 4.17 0.00
C GLY A 42 -16.98 3.31 0.94
N LYS A 43 -16.37 2.92 2.04
CA LYS A 43 -17.02 2.17 3.09
C LYS A 43 -16.79 2.93 4.41
N ASN A 44 -17.87 3.41 5.03
CA ASN A 44 -17.82 4.20 6.26
C ASN A 44 -19.23 4.40 6.85
N LEU A 45 -19.37 4.15 8.16
CA LEU A 45 -20.68 3.97 8.77
C LEU A 45 -21.26 5.11 9.56
N GLU A 46 -22.57 5.33 9.40
CA GLU A 46 -23.28 6.38 10.11
C GLU A 46 -24.61 5.89 10.68
N TRP A 47 -24.75 5.96 12.00
CA TRP A 47 -25.99 5.54 12.64
C TRP A 47 -27.09 6.55 12.35
N ILE A 48 -28.12 6.08 11.65
CA ILE A 48 -29.24 6.94 11.24
C ILE A 48 -30.20 7.24 12.41
N GLY A 49 -30.74 6.17 13.00
CA GLY A 49 -31.67 6.25 14.11
C GLY A 49 -32.22 4.86 14.36
N GLY A 50 -33.07 4.74 15.39
CA GLY A 50 -33.63 3.46 15.77
C GLY A 50 -34.90 3.57 16.58
N ILE A 51 -35.64 2.47 16.68
CA ILE A 51 -36.88 2.40 17.43
C ILE A 51 -36.82 1.27 18.46
N ASP A 52 -37.21 1.55 19.69
CA ASP A 52 -37.23 0.51 20.72
C ASP A 52 -38.64 -0.10 20.83
N PRO A 53 -38.70 -1.43 20.97
CA PRO A 53 -39.98 -2.13 21.01
C PRO A 53 -40.80 -1.85 22.28
N HIS A 54 -40.19 -1.34 23.35
CA HIS A 54 -40.90 -1.14 24.62
C HIS A 54 -41.06 0.32 25.11
N ASN A 55 -41.18 1.27 24.20
CA ASN A 55 -41.42 2.66 24.57
C ASN A 55 -41.48 3.58 23.34
N GLY A 56 -42.70 3.96 22.97
CA GLY A 56 -42.98 4.76 21.81
C GLY A 56 -42.02 5.89 21.48
N GLY A 57 -41.57 5.91 20.23
CA GLY A 57 -40.71 6.96 19.71
C GLY A 57 -39.42 6.46 19.12
N PRO A 58 -39.18 6.81 17.85
CA PRO A 58 -37.92 6.49 17.17
C PRO A 58 -36.85 7.49 17.60
N VAL A 59 -35.60 7.03 17.77
CA VAL A 59 -34.49 7.89 18.16
C VAL A 59 -33.65 8.24 16.94
N TYR A 60 -33.45 9.53 16.70
CA TYR A 60 -32.78 9.99 15.50
C TYR A 60 -31.43 10.63 15.75
N ASN A 61 -30.54 10.51 14.79
CA ASN A 61 -29.29 11.25 14.81
C ASN A 61 -29.60 12.59 14.13
N GLN A 62 -29.15 13.68 14.75
CA GLN A 62 -29.42 15.02 14.24
C GLN A 62 -29.03 15.20 12.77
N LYS A 63 -27.91 14.62 12.36
CA LYS A 63 -27.42 14.77 10.99
C LYS A 63 -28.51 14.43 9.99
N PHE A 64 -29.40 13.51 10.39
CA PHE A 64 -30.48 13.04 9.52
C PHE A 64 -31.86 13.50 9.96
N ASN A 65 -31.89 14.43 10.91
CA ASN A 65 -33.16 14.98 11.34
C ASN A 65 -33.72 15.80 10.18
N GLY A 66 -34.88 15.40 9.68
CA GLY A 66 -35.52 16.06 8.56
C GLY A 66 -35.44 15.24 7.28
N LYS A 67 -34.39 14.43 7.16
CA LYS A 67 -34.21 13.62 5.96
C LYS A 67 -34.78 12.22 6.11
N ALA A 68 -34.66 11.67 7.32
CA ALA A 68 -35.07 10.28 7.61
C ALA A 68 -36.29 10.17 8.49
N THR A 69 -37.22 9.31 8.10
CA THR A 69 -38.39 9.05 8.92
C THR A 69 -38.46 7.54 9.14
N LEU A 70 -38.46 7.14 10.40
CA LEU A 70 -38.49 5.74 10.78
C LEU A 70 -39.85 5.38 11.37
N THR A 71 -40.48 4.36 10.82
CA THR A 71 -41.70 3.84 11.42
C THR A 71 -41.63 2.33 11.38
N VAL A 72 -42.56 1.71 12.10
CA VAL A 72 -42.70 0.26 12.07
C VAL A 72 -44.16 -0.04 11.86
N ASP A 73 -44.45 -1.31 11.63
CA ASP A 73 -45.81 -1.77 11.57
C ASP A 73 -45.81 -3.09 12.28
N LYS A 74 -46.01 -3.04 13.60
CA LYS A 74 -45.94 -4.22 14.45
C LYS A 74 -46.82 -5.36 13.94
N SER A 75 -47.87 -5.02 13.21
CA SER A 75 -48.80 -6.04 12.73
C SER A 75 -48.16 -6.97 11.72
N SER A 76 -47.43 -6.40 10.76
CA SER A 76 -46.83 -7.16 9.69
C SER A 76 -45.34 -7.40 9.93
N SER A 77 -44.85 -7.02 11.11
CA SER A 77 -43.45 -7.22 11.47
C SER A 77 -42.54 -6.56 10.45
N THR A 78 -42.92 -5.37 9.99
CA THR A 78 -42.12 -4.67 9.01
C THR A 78 -41.65 -3.33 9.56
N ALA A 79 -40.41 -2.97 9.25
CA ALA A 79 -39.84 -1.70 9.63
C ALA A 79 -39.61 -0.90 8.36
N PHE A 80 -39.77 0.42 8.44
CA PHE A 80 -39.63 1.28 7.26
C PHE A 80 -38.73 2.48 7.49
N MET A 81 -38.03 2.88 6.45
CA MET A 81 -37.22 4.09 6.50
C MET A 81 -37.58 4.93 5.29
N HIS A 82 -38.06 6.14 5.53
CA HIS A 82 -38.44 7.01 4.44
C HIS A 82 -37.45 8.14 4.35
N LEU A 83 -36.78 8.22 3.19
CA LEU A 83 -35.83 9.29 2.92
C LEU A 83 -36.45 10.26 1.90
N ASN A 84 -36.56 11.52 2.31
CA ASN A 84 -37.13 12.55 1.44
C ASN A 84 -36.06 13.44 0.81
N SER A 85 -36.44 14.13 -0.26
CA SER A 85 -35.56 15.10 -0.91
C SER A 85 -34.18 14.54 -1.16
N LEU A 86 -34.13 13.44 -1.90
CA LEU A 86 -32.86 12.74 -2.16
C LEU A 86 -31.91 13.56 -3.03
N THR A 87 -30.64 13.58 -2.63
CA THR A 87 -29.59 14.20 -3.44
C THR A 87 -28.48 13.17 -3.56
N SER A 88 -27.61 13.33 -4.56
CA SER A 88 -26.55 12.35 -4.81
C SER A 88 -25.77 11.95 -3.55
N GLU A 89 -25.87 12.75 -2.49
CA GLU A 89 -25.19 12.44 -1.25
C GLU A 89 -25.99 11.46 -0.40
N ASP A 90 -27.17 11.08 -0.91
CA ASP A 90 -27.98 10.05 -0.29
C ASP A 90 -27.72 8.71 -0.98
N SER A 91 -26.90 8.72 -2.01
CA SER A 91 -26.55 7.47 -2.65
C SER A 91 -25.71 6.70 -1.65
N ALA A 92 -26.14 5.49 -1.31
CA ALA A 92 -25.43 4.66 -0.35
C ALA A 92 -26.08 3.29 -0.21
N VAL A 93 -25.42 2.44 0.56
CA VAL A 93 -25.97 1.16 0.96
C VAL A 93 -26.60 1.40 2.32
N TYR A 94 -27.89 1.08 2.46
CA TYR A 94 -28.59 1.24 3.73
C TYR A 94 -28.93 -0.10 4.39
N TYR A 95 -28.52 -0.30 5.63
CA TYR A 95 -28.82 -1.54 6.32
C TYR A 95 -29.84 -1.29 7.43
N CYS A 96 -30.70 -2.27 7.68
CA CYS A 96 -31.56 -2.23 8.86
C CYS A 96 -30.95 -3.30 9.76
N ALA A 97 -30.81 -3.01 11.05
CA ALA A 97 -30.23 -3.94 11.99
C ALA A 97 -31.17 -4.22 13.16
N ILE A 98 -31.02 -5.40 13.76
CA ILE A 98 -31.88 -5.81 14.85
C ILE A 98 -31.01 -6.30 15.99
N PHE A 99 -31.51 -6.15 17.21
CA PHE A 99 -30.75 -6.56 18.39
C PHE A 99 -31.60 -6.47 19.63
N TYR A 100 -31.14 -7.16 20.68
CA TYR A 100 -31.83 -7.18 21.95
C TYR A 100 -30.80 -7.34 23.06
N GLY A 101 -30.75 -6.37 23.97
CA GLY A 101 -29.77 -6.42 25.03
C GLY A 101 -28.44 -6.91 24.49
N ASN A 102 -27.81 -7.83 25.21
CA ASN A 102 -26.51 -8.36 24.82
C ASN A 102 -26.60 -9.67 24.06
N PHE A 103 -27.75 -9.93 23.44
CA PHE A 103 -27.92 -11.22 22.79
C PHE A 103 -27.37 -11.19 21.38
N PHE A 104 -28.18 -10.89 20.40
CA PHE A 104 -27.63 -10.86 19.08
C PHE A 104 -27.54 -9.41 18.67
N ASP A 105 -27.01 -9.22 17.48
CA ASP A 105 -26.97 -7.93 16.82
C ASP A 105 -26.71 -8.29 15.38
N TYR A 106 -27.78 -8.33 14.60
CA TYR A 106 -27.68 -8.84 13.24
C TYR A 106 -28.14 -7.84 12.19
N TRP A 107 -27.30 -7.66 11.18
CA TRP A 107 -27.57 -6.72 10.12
C TRP A 107 -28.22 -7.39 8.91
N GLY A 108 -29.00 -6.61 8.15
CA GLY A 108 -29.61 -7.11 6.93
C GLY A 108 -28.59 -7.07 5.81
N PRO A 109 -29.00 -7.52 4.63
CA PRO A 109 -28.08 -7.66 3.48
C PRO A 109 -27.63 -6.32 2.92
N GLY A 110 -28.55 -5.37 2.81
CA GLY A 110 -28.24 -4.06 2.30
C GLY A 110 -29.14 -3.62 1.15
N THR A 111 -29.39 -2.31 1.06
CA THR A 111 -30.17 -1.77 -0.03
C THR A 111 -29.34 -0.70 -0.72
N THR A 112 -28.94 -0.94 -1.95
CA THR A 112 -28.20 0.06 -2.68
C THR A 112 -29.20 1.12 -3.09
N VAL A 113 -28.79 2.37 -3.06
CA VAL A 113 -29.67 3.46 -3.43
C VAL A 113 -28.90 4.48 -4.24
N THR A 114 -29.28 4.63 -5.51
CA THR A 114 -28.64 5.64 -6.35
C THR A 114 -29.63 6.75 -6.72
N VAL A 115 -29.25 7.98 -6.40
CA VAL A 115 -30.03 9.15 -6.78
C VAL A 115 -29.43 9.69 -8.08
N SER A 116 -30.25 9.78 -9.12
CA SER A 116 -29.76 10.24 -10.42
C SER A 116 -30.92 10.30 -11.39
N SER A 117 -30.88 11.27 -12.28
CA SER A 117 -31.98 11.50 -13.21
C SER A 117 -31.96 10.54 -14.38
N ALA A 118 -30.88 9.79 -14.51
CA ALA A 118 -30.75 8.81 -15.57
C ALA A 118 -31.84 7.75 -15.42
N SER A 119 -32.00 6.93 -16.46
CA SER A 119 -32.97 5.85 -16.44
C SER A 119 -32.27 4.49 -16.30
N THR A 120 -33.01 3.48 -15.84
CA THR A 120 -32.42 2.16 -15.65
C THR A 120 -32.20 1.45 -16.99
N LYS A 121 -31.06 0.79 -17.10
CA LYS A 121 -30.69 0.06 -18.30
C LYS A 121 -30.06 -1.26 -17.89
N GLY A 122 -30.64 -2.35 -18.40
CA GLY A 122 -30.14 -3.68 -18.11
C GLY A 122 -28.88 -3.93 -18.92
N PRO A 123 -28.07 -4.88 -18.47
CA PRO A 123 -26.80 -5.14 -19.14
C PRO A 123 -26.92 -6.07 -20.34
N SER A 124 -25.94 -5.91 -21.24
CA SER A 124 -25.71 -6.83 -22.32
C SER A 124 -24.76 -7.79 -21.66
N VAL A 125 -24.95 -9.08 -21.89
CA VAL A 125 -24.09 -10.10 -21.32
C VAL A 125 -23.37 -10.83 -22.44
N PHE A 126 -22.06 -10.71 -22.47
CA PHE A 126 -21.31 -11.38 -23.52
C PHE A 126 -20.39 -12.45 -22.96
N PRO A 127 -20.30 -13.55 -23.68
CA PRO A 127 -19.44 -14.67 -23.30
C PRO A 127 -17.96 -14.32 -23.42
N LEU A 128 -17.20 -14.64 -22.37
CA LEU A 128 -15.75 -14.56 -22.41
C LEU A 128 -15.28 -15.98 -22.65
N ALA A 129 -15.11 -16.34 -23.92
CA ALA A 129 -14.80 -17.71 -24.30
C ALA A 129 -13.39 -18.18 -23.95
N PRO A 130 -13.31 -19.40 -23.43
CA PRO A 130 -12.03 -20.06 -23.08
C PRO A 130 -11.03 -20.11 -24.24
N THR A 139 -5.68 -26.53 -17.03
CA THR A 139 -6.32 -25.39 -16.38
C THR A 139 -6.66 -24.23 -17.34
N ALA A 140 -7.93 -23.87 -17.41
CA ALA A 140 -8.40 -22.81 -18.30
C ALA A 140 -9.35 -21.83 -17.62
N ALA A 141 -9.44 -20.62 -18.18
CA ALA A 141 -10.31 -19.59 -17.68
C ALA A 141 -11.42 -19.26 -18.67
N LEU A 142 -12.59 -18.93 -18.14
CA LEU A 142 -13.71 -18.49 -18.94
C LEU A 142 -14.45 -17.40 -18.17
N GLY A 143 -15.42 -16.75 -18.79
CA GLY A 143 -16.16 -15.74 -18.07
C GLY A 143 -17.32 -15.11 -18.81
N CYS A 144 -17.86 -14.06 -18.20
CA CYS A 144 -18.96 -13.30 -18.79
C CYS A 144 -18.68 -11.80 -18.68
N LEU A 145 -18.85 -11.09 -19.79
CA LEU A 145 -18.77 -9.63 -19.77
C LEU A 145 -20.19 -9.10 -19.52
N VAL A 146 -20.38 -8.35 -18.43
CA VAL A 146 -21.68 -7.75 -18.10
C VAL A 146 -21.54 -6.25 -18.37
N LYS A 147 -21.90 -5.82 -19.57
CA LYS A 147 -21.60 -4.46 -20.04
C LYS A 147 -22.80 -3.54 -20.27
N ASP A 148 -22.65 -2.30 -19.84
CA ASP A 148 -23.60 -1.21 -20.10
C ASP A 148 -24.92 -1.27 -19.33
N TYR A 149 -24.82 -1.37 -18.01
CA TYR A 149 -26.00 -1.40 -17.16
C TYR A 149 -25.98 -0.23 -16.17
N PHE A 150 -27.18 0.13 -15.72
CA PHE A 150 -27.35 1.22 -14.77
C PHE A 150 -28.72 1.07 -14.11
N PRO A 151 -28.77 1.25 -12.79
CA PRO A 151 -27.59 1.55 -12.00
C PRO A 151 -27.03 0.27 -11.38
N GLU A 152 -26.05 0.45 -10.50
CA GLU A 152 -25.55 -0.67 -9.71
C GLU A 152 -26.68 -1.10 -8.77
N PRO A 153 -26.62 -2.31 -8.25
CA PRO A 153 -25.60 -3.28 -8.63
C PRO A 153 -26.18 -4.38 -9.54
N VAL A 154 -25.37 -5.38 -9.83
CA VAL A 154 -25.83 -6.54 -10.57
C VAL A 154 -25.18 -7.75 -9.91
N THR A 155 -25.82 -8.91 -9.97
CA THR A 155 -25.21 -10.09 -9.39
C THR A 155 -24.99 -11.13 -10.45
N VAL A 156 -23.87 -11.83 -10.35
CA VAL A 156 -23.55 -12.90 -11.26
C VAL A 156 -23.29 -14.15 -10.46
N SER A 157 -23.70 -15.28 -11.01
CA SER A 157 -23.42 -16.58 -10.40
C SER A 157 -23.19 -17.61 -11.50
N TRP A 158 -22.49 -18.68 -11.16
CA TRP A 158 -22.16 -19.71 -12.13
C TRP A 158 -22.95 -21.00 -11.88
N ASN A 159 -23.45 -21.59 -12.96
CA ASN A 159 -24.23 -22.83 -12.89
C ASN A 159 -25.29 -22.85 -11.79
N SER A 160 -26.04 -21.76 -11.71
CA SER A 160 -27.14 -21.62 -10.77
C SER A 160 -26.71 -21.72 -9.31
N GLY A 161 -25.42 -21.49 -9.05
CA GLY A 161 -24.90 -21.53 -7.69
C GLY A 161 -23.98 -22.70 -7.47
N ALA A 162 -24.13 -23.72 -8.32
CA ALA A 162 -23.37 -24.95 -8.23
C ALA A 162 -21.84 -24.78 -8.29
N LEU A 163 -21.40 -23.70 -8.93
CA LEU A 163 -19.98 -23.47 -9.16
C LEU A 163 -19.52 -22.24 -8.40
N THR A 164 -18.65 -22.46 -7.42
CA THR A 164 -18.19 -21.38 -6.57
C THR A 164 -16.65 -21.29 -6.43
N SER A 165 -15.95 -22.39 -6.69
CA SER A 165 -14.48 -22.38 -6.63
C SER A 165 -13.91 -21.62 -7.81
N GLY A 166 -12.93 -20.77 -7.53
CA GLY A 166 -12.23 -20.06 -8.60
C GLY A 166 -13.06 -18.97 -9.24
N VAL A 167 -14.31 -18.85 -8.86
CA VAL A 167 -15.12 -17.74 -9.35
C VAL A 167 -14.50 -16.44 -8.88
N HIS A 168 -14.39 -15.49 -9.79
CA HIS A 168 -13.86 -14.17 -9.47
C HIS A 168 -14.72 -13.14 -10.16
N THR A 169 -15.45 -12.36 -9.38
CA THR A 169 -16.30 -11.33 -9.96
C THR A 169 -15.70 -9.98 -9.62
N PHE A 170 -15.46 -9.16 -10.64
CA PHE A 170 -14.78 -7.89 -10.44
C PHE A 170 -15.72 -6.73 -10.12
N PRO A 171 -15.30 -5.85 -9.21
CA PRO A 171 -16.02 -4.60 -8.95
C PRO A 171 -16.35 -3.97 -10.28
N ALA A 172 -17.48 -3.28 -10.38
CA ALA A 172 -17.86 -2.70 -11.65
C ALA A 172 -17.12 -1.40 -11.88
N VAL A 173 -16.83 -1.09 -13.14
CA VAL A 173 -16.19 0.16 -13.46
C VAL A 173 -17.20 1.08 -14.11
N LEU A 174 -17.17 2.35 -13.74
CA LEU A 174 -18.02 3.31 -14.41
C LEU A 174 -17.30 3.82 -15.65
N GLN A 175 -17.72 3.38 -16.82
CA GLN A 175 -17.12 3.84 -18.07
C GLN A 175 -17.63 5.24 -18.40
N SER A 176 -16.95 5.90 -19.34
CA SER A 176 -17.25 7.28 -19.68
C SER A 176 -18.70 7.53 -20.11
N SER A 177 -19.35 6.50 -20.66
CA SER A 177 -20.75 6.63 -21.12
C SER A 177 -21.75 6.79 -19.96
N GLY A 178 -21.28 6.60 -18.73
CA GLY A 178 -22.12 6.71 -17.56
C GLY A 178 -22.78 5.39 -17.21
N LEU A 179 -22.38 4.34 -17.93
CA LEU A 179 -22.88 2.99 -17.77
C LEU A 179 -21.87 2.12 -17.06
N TYR A 180 -22.35 1.24 -16.17
CA TYR A 180 -21.48 0.34 -15.40
C TYR A 180 -21.05 -0.90 -16.19
N SER A 181 -19.90 -1.44 -15.82
CA SER A 181 -19.34 -2.58 -16.51
C SER A 181 -18.45 -3.46 -15.62
N LEU A 182 -18.62 -4.77 -15.74
CA LEU A 182 -17.79 -5.72 -15.01
C LEU A 182 -17.83 -7.10 -15.68
N SER A 183 -16.83 -7.92 -15.38
CA SER A 183 -16.82 -9.29 -15.90
C SER A 183 -16.65 -10.26 -14.75
N SER A 184 -17.24 -11.44 -14.91
CA SER A 184 -17.07 -12.50 -13.93
C SER A 184 -16.24 -13.58 -14.60
N VAL A 185 -15.28 -14.13 -13.87
CA VAL A 185 -14.47 -15.21 -14.41
C VAL A 185 -14.43 -16.42 -13.48
N VAL A 186 -14.03 -17.54 -14.03
CA VAL A 186 -13.87 -18.78 -13.30
C VAL A 186 -12.76 -19.55 -14.00
N THR A 187 -12.03 -20.35 -13.25
CA THR A 187 -11.00 -21.20 -13.82
C THR A 187 -11.40 -22.63 -13.52
N VAL A 188 -11.19 -23.51 -14.49
CA VAL A 188 -11.53 -24.92 -14.35
C VAL A 188 -10.45 -25.74 -15.02
N PRO A 189 -10.54 -27.07 -14.94
CA PRO A 189 -9.62 -27.94 -15.66
C PRO A 189 -9.93 -27.89 -17.16
N SER A 190 -8.90 -27.81 -18.01
CA SER A 190 -9.11 -27.80 -19.44
C SER A 190 -9.83 -29.08 -19.89
N SER A 191 -9.50 -30.19 -19.23
CA SER A 191 -10.13 -31.47 -19.55
C SER A 191 -11.63 -31.31 -19.51
N SER A 192 -12.11 -30.49 -18.58
CA SER A 192 -13.54 -30.29 -18.31
C SER A 192 -14.25 -29.49 -19.39
N LEU A 193 -13.52 -29.03 -20.39
CA LEU A 193 -14.09 -28.14 -21.40
C LEU A 193 -15.03 -28.82 -22.40
N GLY A 194 -14.93 -30.13 -22.50
CA GLY A 194 -15.79 -30.88 -23.41
C GLY A 194 -16.72 -31.81 -22.65
N THR A 195 -16.81 -31.61 -21.34
CA THR A 195 -17.63 -32.45 -20.46
C THR A 195 -18.66 -31.65 -19.66
N GLN A 196 -18.30 -30.45 -19.24
CA GLN A 196 -19.17 -29.64 -18.40
C GLN A 196 -19.65 -28.38 -19.09
N THR A 197 -20.95 -28.12 -18.97
CA THR A 197 -21.55 -26.92 -19.52
C THR A 197 -21.40 -25.82 -18.47
N TYR A 198 -21.06 -24.62 -18.92
CA TYR A 198 -20.87 -23.50 -18.01
C TYR A 198 -21.81 -22.35 -18.36
N ILE A 199 -22.79 -22.12 -17.50
CA ILE A 199 -23.75 -21.05 -17.70
C ILE A 199 -23.60 -20.00 -16.61
N CYS A 200 -23.44 -18.75 -17.01
CA CYS A 200 -23.42 -17.68 -16.01
C CYS A 200 -24.80 -17.06 -15.96
N ASN A 201 -25.31 -16.81 -14.75
CA ASN A 201 -26.62 -16.22 -14.58
C ASN A 201 -26.50 -14.82 -14.01
N VAL A 202 -26.96 -13.83 -14.77
CA VAL A 202 -26.86 -12.43 -14.38
C VAL A 202 -28.22 -11.88 -14.02
N ASN A 203 -28.31 -11.22 -12.87
CA ASN A 203 -29.55 -10.56 -12.48
C ASN A 203 -29.29 -9.09 -12.15
N HIS A 204 -30.09 -8.23 -12.77
CA HIS A 204 -30.01 -6.78 -12.55
C HIS A 204 -31.38 -6.31 -12.06
N LYS A 205 -31.70 -6.58 -10.80
CA LYS A 205 -33.01 -6.27 -10.23
C LYS A 205 -33.65 -5.00 -10.78
N PRO A 206 -32.95 -3.87 -10.67
CA PRO A 206 -33.49 -2.56 -11.06
C PRO A 206 -34.18 -2.52 -12.43
N SER A 207 -33.68 -3.28 -13.41
CA SER A 207 -34.26 -3.27 -14.74
C SER A 207 -34.97 -4.58 -15.03
N ASN A 208 -35.27 -5.34 -13.98
CA ASN A 208 -35.95 -6.63 -14.13
C ASN A 208 -35.33 -7.46 -15.26
N THR A 209 -34.00 -7.38 -15.35
CA THR A 209 -33.22 -8.08 -16.35
C THR A 209 -32.54 -9.30 -15.72
N LYS A 210 -32.89 -10.49 -16.22
CA LYS A 210 -32.30 -11.74 -15.77
C LYS A 210 -31.95 -12.60 -17.01
N VAL A 211 -30.66 -12.86 -17.21
CA VAL A 211 -30.22 -13.59 -18.40
C VAL A 211 -29.26 -14.75 -18.10
N ASP A 212 -29.48 -15.89 -18.76
CA ASP A 212 -28.56 -17.01 -18.66
C ASP A 212 -27.72 -17.09 -19.93
N LYS A 213 -26.40 -17.20 -19.77
CA LYS A 213 -25.50 -17.22 -20.91
C LYS A 213 -24.56 -18.42 -20.90
N LYS A 214 -24.68 -19.26 -21.92
CA LYS A 214 -23.81 -20.41 -22.10
C LYS A 214 -22.45 -19.95 -22.60
N VAL A 215 -21.43 -20.31 -21.86
CA VAL A 215 -20.07 -20.01 -22.25
C VAL A 215 -19.48 -21.33 -22.75
N GLU A 216 -19.16 -21.37 -24.04
CA GLU A 216 -18.54 -22.57 -24.61
C GLU A 216 -17.33 -22.21 -25.49
N PRO A 217 -16.46 -23.20 -25.70
CA PRO A 217 -15.21 -22.99 -26.45
C PRO A 217 -15.53 -22.48 -27.85
N LYS A 218 -14.99 -21.34 -28.25
CA LYS A 218 -15.24 -20.85 -29.59
C LYS A 218 -14.29 -21.46 -30.63
N SER A 219 -14.70 -21.69 -31.77
N GLU B 1 -21.59 15.54 18.87
CA GLU B 1 -21.32 14.17 18.35
C GLU B 1 -20.04 13.64 19.00
N LEU B 2 -20.05 12.37 19.40
CA LEU B 2 -18.83 11.77 19.93
C LEU B 2 -18.00 11.25 18.77
N VAL B 3 -16.73 11.65 18.71
CA VAL B 3 -15.85 11.20 17.65
C VAL B 3 -15.13 9.95 18.07
N MET B 4 -15.02 8.98 17.17
CA MET B 4 -14.21 7.80 17.40
C MET B 4 -13.11 7.78 16.35
N THR B 5 -11.89 8.13 16.75
CA THR B 5 -10.78 8.07 15.81
C THR B 5 -10.03 6.76 16.01
N GLN B 6 -9.98 6.00 14.94
CA GLN B 6 -9.50 4.63 14.93
C GLN B 6 -8.20 4.48 14.13
N SER B 7 -7.29 3.63 14.59
CA SER B 7 -6.04 3.39 13.85
C SER B 7 -5.46 2.02 14.16
N PRO B 8 -4.57 1.55 13.29
CA PRO B 8 -4.12 2.33 12.13
C PRO B 8 -5.19 2.29 11.06
N LYS B 9 -5.08 3.17 10.07
CA LYS B 9 -6.05 3.18 8.99
C LYS B 9 -5.97 1.90 8.14
N PHE B 10 -4.74 1.44 7.88
CA PHE B 10 -4.49 0.26 7.05
C PHE B 10 -3.36 -0.55 7.68
N MET B 11 -3.48 -1.89 7.66
CA MET B 11 -2.40 -2.75 8.16
C MET B 11 -2.24 -4.10 7.44
N SER B 12 -0.99 -4.45 7.14
CA SER B 12 -0.67 -5.70 6.45
C SER B 12 0.18 -6.54 7.39
N THR B 13 -0.17 -7.82 7.52
CA THR B 13 0.56 -8.68 8.44
C THR B 13 0.42 -10.15 8.05
N SER B 14 1.35 -10.98 8.50
CA SER B 14 1.35 -12.37 8.09
C SER B 14 0.36 -13.22 8.86
N VAL B 15 0.05 -14.40 8.31
CA VAL B 15 -0.84 -15.34 8.94
C VAL B 15 -0.17 -15.88 10.19
N GLY B 16 -0.88 -15.83 11.31
CA GLY B 16 -0.35 -16.33 12.57
C GLY B 16 0.17 -15.20 13.45
N ASP B 17 0.13 -13.98 12.92
CA ASP B 17 0.62 -12.82 13.65
C ASP B 17 -0.43 -12.34 14.65
N ARG B 18 -0.02 -11.37 15.47
CA ARG B 18 -0.92 -10.70 16.39
C ARG B 18 -0.85 -9.23 16.07
N VAL B 19 -2.00 -8.58 15.91
CA VAL B 19 -2.02 -7.14 15.68
C VAL B 19 -3.15 -6.54 16.47
N SER B 20 -3.12 -5.23 16.64
CA SER B 20 -4.19 -4.60 17.39
C SER B 20 -4.67 -3.31 16.79
N VAL B 21 -5.99 -3.20 16.68
CA VAL B 21 -6.65 -1.99 16.25
C VAL B 21 -6.98 -1.15 17.47
N THR B 22 -6.99 0.16 17.30
CA THR B 22 -7.27 1.00 18.45
C THR B 22 -8.29 2.09 18.13
N CYS B 23 -9.02 2.50 19.16
CA CYS B 23 -9.96 3.57 18.99
C CYS B 23 -9.84 4.58 20.12
N LYS B 24 -9.95 5.84 19.76
CA LYS B 24 -9.92 6.90 20.76
C LYS B 24 -11.25 7.64 20.82
N ALA B 25 -11.88 7.60 21.98
CA ALA B 25 -13.10 8.38 22.17
C ALA B 25 -12.72 9.79 22.57
N SER B 26 -13.65 10.72 22.40
CA SER B 26 -13.43 12.13 22.73
C SER B 26 -14.07 12.50 24.06
N GLN B 27 -14.55 11.50 24.79
CA GLN B 27 -15.27 11.67 26.04
C GLN B 27 -15.35 10.29 26.70
N ASN B 28 -15.00 10.14 28.00
CA ASN B 28 -15.16 8.81 28.62
C ASN B 28 -16.52 8.25 28.21
N VAL B 29 -16.53 7.13 27.49
CA VAL B 29 -17.79 6.49 27.12
C VAL B 29 -17.97 5.19 27.89
N GLY B 30 -17.29 5.07 29.02
CA GLY B 30 -17.36 3.87 29.84
C GLY B 30 -16.81 2.68 29.06
N THR B 31 -17.61 1.62 28.96
CA THR B 31 -17.24 0.47 28.14
C THR B 31 -18.32 0.21 27.13
N HIS B 32 -19.10 1.24 26.80
CA HIS B 32 -20.18 1.09 25.84
C HIS B 32 -19.66 1.23 24.41
N VAL B 33 -18.85 0.25 24.01
CA VAL B 33 -18.27 0.23 22.67
C VAL B 33 -18.26 -1.20 22.10
N ALA B 34 -18.55 -1.30 20.81
CA ALA B 34 -18.55 -2.59 20.15
C ALA B 34 -17.51 -2.61 19.04
N TRP B 35 -17.18 -3.81 18.57
CA TRP B 35 -16.22 -3.98 17.49
C TRP B 35 -16.90 -4.78 16.41
N TYR B 36 -16.74 -4.34 15.17
CA TYR B 36 -17.39 -4.99 14.04
C TYR B 36 -16.37 -5.36 13.00
N GLN B 37 -16.60 -6.50 12.36
CA GLN B 37 -15.77 -6.93 11.22
C GLN B 37 -16.65 -7.04 9.98
N GLN B 38 -16.19 -6.45 8.87
CA GLN B 38 -16.93 -6.50 7.60
C GLN B 38 -16.11 -7.10 6.45
N LYS B 39 -16.43 -8.34 6.08
CA LYS B 39 -15.71 -9.01 4.99
C LYS B 39 -16.21 -8.53 3.63
N PRO B 40 -15.34 -8.61 2.62
CA PRO B 40 -15.68 -8.19 1.27
C PRO B 40 -17.01 -8.74 0.83
N GLY B 41 -17.89 -7.88 0.33
CA GLY B 41 -19.20 -8.33 -0.12
C GLY B 41 -20.16 -8.80 0.96
N GLN B 42 -20.05 -8.26 2.17
CA GLN B 42 -20.98 -8.62 3.24
C GLN B 42 -21.25 -7.48 4.23
N SER B 43 -22.38 -7.57 4.91
CA SER B 43 -22.69 -6.59 5.95
C SER B 43 -21.70 -6.77 7.09
N PRO B 44 -21.47 -5.72 7.85
CA PRO B 44 -20.64 -5.83 9.07
C PRO B 44 -21.23 -6.89 9.99
N LYS B 45 -20.37 -7.47 10.83
CA LYS B 45 -20.81 -8.46 11.80
C LYS B 45 -20.20 -8.12 13.16
N THR B 46 -21.03 -7.99 14.19
CA THR B 46 -20.53 -7.66 15.52
C THR B 46 -19.60 -8.75 16.08
N LEU B 47 -18.45 -8.35 16.59
CA LEU B 47 -17.54 -9.30 17.21
C LEU B 47 -17.63 -9.15 18.73
N ILE B 48 -17.73 -7.89 19.17
CA ILE B 48 -17.61 -7.57 20.57
C ILE B 48 -18.57 -6.49 21.01
N TYR B 49 -19.11 -6.68 22.21
CA TYR B 49 -19.96 -5.70 22.84
C TYR B 49 -19.39 -5.47 24.22
N SER B 50 -19.60 -4.27 24.75
CA SER B 50 -19.11 -3.92 26.08
C SER B 50 -17.61 -4.02 26.14
N ALA B 51 -16.96 -3.59 25.06
CA ALA B 51 -15.50 -3.52 24.99
C ALA B 51 -14.71 -4.85 25.08
N SER B 52 -15.10 -5.78 25.96
CA SER B 52 -14.29 -6.99 26.13
C SER B 52 -15.06 -8.31 26.06
N TYR B 53 -16.35 -8.24 25.73
CA TYR B 53 -17.15 -9.46 25.72
C TYR B 53 -17.49 -9.92 24.31
N ARG B 54 -17.34 -11.21 24.08
CA ARG B 54 -17.59 -11.79 22.76
C ARG B 54 -19.02 -12.25 22.53
N TYR B 55 -19.43 -12.16 21.27
CA TYR B 55 -20.71 -12.69 20.85
C TYR B 55 -20.49 -14.16 20.51
N SER B 56 -21.53 -14.97 20.65
CA SER B 56 -21.43 -16.39 20.33
C SER B 56 -20.79 -16.61 18.96
N GLY B 57 -20.04 -17.72 18.86
CA GLY B 57 -19.41 -18.08 17.61
C GLY B 57 -18.25 -17.20 17.19
N VAL B 58 -17.93 -16.18 17.97
CA VAL B 58 -16.78 -15.33 17.63
C VAL B 58 -15.55 -15.99 18.24
N PRO B 59 -14.55 -16.26 17.40
CA PRO B 59 -13.37 -17.01 17.83
C PRO B 59 -12.63 -16.33 18.98
N ASP B 60 -12.07 -17.11 19.90
CA ASP B 60 -11.36 -16.53 21.03
C ASP B 60 -10.14 -15.71 20.58
N ARG B 61 -9.65 -15.94 19.37
CA ARG B 61 -8.49 -15.17 18.94
C ARG B 61 -8.83 -13.69 18.76
N PHE B 62 -10.09 -13.36 18.98
CA PHE B 62 -10.53 -11.96 19.05
C PHE B 62 -10.76 -11.59 20.52
N THR B 63 -10.28 -10.41 20.92
CA THR B 63 -10.46 -9.92 22.28
C THR B 63 -10.52 -8.40 22.27
N GLY B 64 -11.38 -7.84 23.11
CA GLY B 64 -11.52 -6.40 23.22
C GLY B 64 -11.18 -5.96 24.63
N SER B 65 -10.82 -4.70 24.79
CA SER B 65 -10.40 -4.21 26.08
C SER B 65 -10.32 -2.70 26.10
N GLY B 66 -10.07 -2.16 27.29
CA GLY B 66 -9.97 -0.72 27.46
C GLY B 66 -11.27 -0.12 27.94
N SER B 67 -11.22 1.17 28.26
CA SER B 67 -12.40 1.90 28.75
C SER B 67 -12.11 3.42 28.93
N GLY B 68 -13.16 4.19 29.14
CA GLY B 68 -13.02 5.63 29.20
C GLY B 68 -12.97 6.14 27.79
N THR B 69 -11.76 6.25 27.24
CA THR B 69 -11.61 6.74 25.88
C THR B 69 -10.59 5.91 25.12
N ASP B 70 -10.11 4.85 25.76
CA ASP B 70 -9.06 4.03 25.16
C ASP B 70 -9.48 2.58 24.96
N PHE B 71 -9.60 2.16 23.71
CA PHE B 71 -10.11 0.84 23.39
C PHE B 71 -9.21 0.09 22.41
N THR B 72 -9.20 -1.23 22.53
CA THR B 72 -8.32 -2.01 21.68
C THR B 72 -8.96 -3.32 21.27
N LEU B 73 -8.88 -3.64 19.98
CA LEU B 73 -9.26 -4.94 19.47
C LEU B 73 -7.97 -5.63 19.08
N THR B 74 -7.76 -6.83 19.60
CA THR B 74 -6.55 -7.59 19.29
C THR B 74 -6.92 -8.91 18.62
N ILE B 75 -6.26 -9.21 17.51
CA ILE B 75 -6.43 -10.49 16.81
C ILE B 75 -5.15 -11.30 17.03
N ARG B 76 -5.26 -12.48 17.63
CA ARG B 76 -4.08 -13.22 18.08
C ARG B 76 -3.49 -14.34 17.21
N ASP B 77 -4.24 -14.83 16.23
CA ASP B 77 -3.69 -15.86 15.33
C ASP B 77 -4.22 -15.57 13.93
N VAL B 78 -3.94 -14.36 13.48
CA VAL B 78 -4.45 -13.86 12.20
C VAL B 78 -4.56 -14.96 11.15
N GLN B 79 -5.78 -15.15 10.63
CA GLN B 79 -6.03 -16.14 9.59
C GLN B 79 -6.41 -15.44 8.29
N SER B 80 -6.23 -16.14 7.19
CA SER B 80 -6.59 -15.61 5.88
C SER B 80 -8.00 -15.08 5.91
N GLU B 81 -8.95 -15.93 6.29
CA GLU B 81 -10.36 -15.53 6.29
C GLU B 81 -10.61 -14.30 7.17
N ASP B 82 -9.54 -13.83 7.83
CA ASP B 82 -9.59 -12.64 8.68
C ASP B 82 -9.53 -11.34 7.89
N ALA B 83 -9.16 -11.46 6.62
CA ALA B 83 -9.06 -10.31 5.75
C ALA B 83 -10.38 -9.55 5.77
N ALA B 84 -10.34 -8.31 6.27
CA ALA B 84 -11.55 -7.48 6.31
C ALA B 84 -11.26 -6.05 6.73
N GLU B 85 -12.33 -5.30 6.88
CA GLU B 85 -12.27 -3.96 7.44
C GLU B 85 -12.94 -4.07 8.79
N TYR B 86 -12.30 -3.49 9.80
CA TYR B 86 -12.79 -3.52 11.18
C TYR B 86 -13.19 -2.12 11.65
N PHE B 87 -14.23 -2.07 12.48
CA PHE B 87 -14.79 -0.81 12.94
C PHE B 87 -15.08 -0.90 14.40
N CYS B 88 -14.88 0.18 15.14
CA CYS B 88 -15.30 0.24 16.52
C CYS B 88 -16.58 1.07 16.53
N GLN B 89 -17.33 0.99 17.60
CA GLN B 89 -18.59 1.72 17.69
C GLN B 89 -18.82 2.19 19.09
N GLN B 90 -19.23 3.43 19.24
CA GLN B 90 -19.56 3.97 20.55
C GLN B 90 -21.10 3.96 20.65
N TYR B 91 -21.61 3.46 21.77
CA TYR B 91 -23.05 3.43 21.98
C TYR B 91 -23.39 3.79 23.43
N ASN B 92 -22.62 4.71 23.98
CA ASN B 92 -22.83 5.16 25.34
C ASN B 92 -23.67 6.43 25.35
N LEU B 93 -23.65 7.14 24.23
CA LEU B 93 -24.39 8.39 24.08
C LEU B 93 -24.82 8.60 22.64
N PHE B 94 -26.12 8.83 22.46
CA PHE B 94 -26.66 9.09 21.15
C PHE B 94 -26.19 10.48 20.71
N PRO B 95 -25.91 10.63 19.42
CA PRO B 95 -26.05 9.55 18.44
C PRO B 95 -24.89 8.56 18.46
N VAL B 96 -25.20 7.29 18.22
CA VAL B 96 -24.17 6.28 18.08
C VAL B 96 -23.22 6.70 16.94
N THR B 97 -21.93 6.48 17.14
CA THR B 97 -20.92 6.83 16.14
C THR B 97 -19.94 5.69 15.88
N PHE B 98 -19.44 5.61 14.65
CA PHE B 98 -18.49 4.58 14.27
C PHE B 98 -17.11 5.17 14.04
N GLY B 99 -16.06 4.38 14.22
CA GLY B 99 -14.74 4.85 13.88
C GLY B 99 -14.60 4.79 12.36
N GLY B 100 -13.62 5.50 11.83
CA GLY B 100 -13.39 5.51 10.39
C GLY B 100 -13.09 4.16 9.78
N GLY B 101 -12.55 3.22 10.58
CA GLY B 101 -12.22 1.89 10.10
C GLY B 101 -10.74 1.58 9.92
N THR B 102 -10.45 0.28 9.89
CA THR B 102 -9.10 -0.27 9.72
C THR B 102 -9.16 -1.39 8.69
N LYS B 103 -8.46 -1.22 7.57
CA LYS B 103 -8.42 -2.25 6.52
C LYS B 103 -7.25 -3.20 6.75
N LEU B 104 -7.56 -4.47 6.98
CA LEU B 104 -6.54 -5.46 7.25
C LEU B 104 -6.23 -6.34 6.04
N GLU B 105 -5.10 -6.08 5.38
CA GLU B 105 -4.64 -6.95 4.30
C GLU B 105 -3.71 -8.00 4.92
N ILE B 106 -3.46 -9.09 4.23
CA ILE B 106 -2.58 -10.11 4.76
C ILE B 106 -1.30 -10.23 3.93
N LYS B 107 -0.17 -10.35 4.61
CA LYS B 107 1.08 -10.54 3.89
C LYS B 107 1.26 -12.01 3.56
N ARG B 108 1.59 -12.29 2.30
CA ARG B 108 1.75 -13.63 1.81
C ARG B 108 2.98 -13.65 0.91
N THR B 109 3.50 -14.83 0.56
CA THR B 109 4.66 -14.90 -0.30
C THR B 109 4.27 -14.34 -1.64
N VAL B 110 5.24 -13.93 -2.43
CA VAL B 110 4.95 -13.43 -3.76
C VAL B 110 4.42 -14.62 -4.57
N ALA B 111 3.58 -14.32 -5.57
CA ALA B 111 2.98 -15.33 -6.43
C ALA B 111 2.65 -14.71 -7.77
N ALA B 112 3.21 -15.26 -8.83
CA ALA B 112 3.04 -14.68 -10.15
C ALA B 112 1.64 -14.90 -10.69
N PRO B 113 1.13 -13.95 -11.46
CA PRO B 113 -0.22 -14.05 -12.00
C PRO B 113 -0.30 -15.14 -13.06
N SER B 114 -1.50 -15.64 -13.31
CA SER B 114 -1.71 -16.50 -14.46
C SER B 114 -2.46 -15.60 -15.41
N VAL B 115 -1.94 -15.50 -16.63
CA VAL B 115 -2.47 -14.57 -17.61
C VAL B 115 -3.30 -15.27 -18.67
N PHE B 116 -4.53 -14.78 -18.86
CA PHE B 116 -5.39 -15.28 -19.92
C PHE B 116 -5.92 -14.08 -20.69
N ILE B 117 -6.09 -14.25 -22.00
CA ILE B 117 -6.63 -13.20 -22.87
C ILE B 117 -7.90 -13.70 -23.54
N PHE B 118 -8.88 -12.82 -23.71
CA PHE B 118 -10.16 -13.19 -24.31
C PHE B 118 -10.53 -12.28 -25.47
N PRO B 119 -10.81 -12.87 -26.62
CA PRO B 119 -11.29 -12.12 -27.77
C PRO B 119 -12.73 -11.71 -27.53
N PRO B 120 -13.22 -10.72 -28.27
CA PRO B 120 -14.61 -10.28 -28.13
C PRO B 120 -15.51 -11.35 -28.70
N SER B 121 -16.70 -11.51 -28.11
CA SER B 121 -17.68 -12.45 -28.65
C SER B 121 -18.08 -12.04 -30.07
N ASP B 122 -18.31 -13.03 -30.92
CA ASP B 122 -18.79 -12.76 -32.26
C ASP B 122 -20.15 -12.09 -32.16
N GLU B 123 -20.78 -12.24 -30.99
CA GLU B 123 -22.10 -11.66 -30.73
C GLU B 123 -22.05 -10.19 -30.31
N GLN B 124 -20.97 -9.81 -29.61
CA GLN B 124 -20.83 -8.41 -29.20
C GLN B 124 -20.48 -7.54 -30.39
N LEU B 125 -19.58 -8.05 -31.23
CA LEU B 125 -19.13 -7.34 -32.42
C LEU B 125 -20.29 -6.87 -33.28
N LYS B 126 -21.31 -7.72 -33.42
CA LYS B 126 -22.51 -7.41 -34.19
C LYS B 126 -23.07 -6.04 -33.88
N SER B 127 -23.06 -5.67 -32.59
CA SER B 127 -23.72 -4.46 -32.12
C SER B 127 -22.92 -3.16 -32.25
N GLY B 128 -21.65 -3.26 -32.58
CA GLY B 128 -20.86 -2.06 -32.82
C GLY B 128 -19.57 -1.93 -32.03
N THR B 129 -19.46 -2.65 -30.92
CA THR B 129 -18.28 -2.52 -30.06
C THR B 129 -17.47 -3.82 -29.88
N ALA B 130 -16.22 -3.67 -29.44
CA ALA B 130 -15.33 -4.80 -29.23
C ALA B 130 -14.55 -4.64 -27.94
N SER B 131 -14.75 -5.57 -27.01
CA SER B 131 -14.01 -5.58 -25.76
C SER B 131 -13.10 -6.79 -25.74
N VAL B 132 -11.82 -6.54 -25.52
CA VAL B 132 -10.82 -7.58 -25.47
C VAL B 132 -10.39 -7.61 -24.01
N VAL B 133 -10.61 -8.74 -23.35
CA VAL B 133 -10.32 -8.77 -21.92
C VAL B 133 -9.05 -9.51 -21.60
N CYS B 134 -8.31 -9.00 -20.63
CA CYS B 134 -7.09 -9.68 -20.24
C CYS B 134 -7.10 -9.91 -18.75
N LEU B 135 -7.07 -11.19 -18.37
CA LEU B 135 -7.15 -11.59 -16.97
C LEU B 135 -5.81 -12.03 -16.35
N LEU B 136 -5.45 -11.37 -15.24
CA LEU B 136 -4.31 -11.73 -14.41
C LEU B 136 -4.91 -12.43 -13.19
N ASN B 137 -4.58 -13.70 -12.98
CA ASN B 137 -5.25 -14.44 -11.91
C ASN B 137 -4.39 -14.96 -10.75
N ASN B 138 -4.91 -14.75 -9.53
CA ASN B 138 -4.28 -15.24 -8.31
C ASN B 138 -2.80 -14.86 -8.12
N PHE B 139 -2.54 -13.57 -7.91
CA PHE B 139 -1.16 -13.10 -7.71
C PHE B 139 -1.00 -12.29 -6.42
N TYR B 140 0.25 -12.05 -6.02
CA TYR B 140 0.60 -11.23 -4.87
C TYR B 140 2.06 -10.76 -5.01
N PRO B 141 2.34 -9.46 -4.78
CA PRO B 141 1.36 -8.51 -4.24
C PRO B 141 0.42 -7.93 -5.29
N ARG B 142 -0.43 -6.97 -4.89
CA ARG B 142 -1.46 -6.41 -5.77
C ARG B 142 -0.94 -5.50 -6.88
N GLU B 143 0.33 -5.09 -6.79
CA GLU B 143 0.93 -4.20 -7.77
C GLU B 143 1.28 -4.91 -9.08
N ALA B 144 0.69 -4.45 -10.19
CA ALA B 144 0.95 -5.06 -11.49
C ALA B 144 0.69 -4.13 -12.68
N ALA B 145 1.63 -4.14 -13.63
CA ALA B 145 1.54 -3.30 -14.82
C ALA B 145 1.06 -4.13 -15.97
N VAL B 146 0.01 -3.67 -16.65
CA VAL B 146 -0.45 -4.35 -17.85
C VAL B 146 -0.33 -3.40 -19.04
N ALA B 147 0.23 -3.90 -20.13
CA ALA B 147 0.38 -3.14 -21.36
C ALA B 147 -0.38 -3.78 -22.52
N TRP B 148 -1.24 -3.01 -23.17
CA TRP B 148 -1.93 -3.52 -24.34
C TRP B 148 -1.14 -3.17 -25.61
N LYS B 149 -1.10 -4.09 -26.55
CA LYS B 149 -0.51 -3.79 -27.85
C LYS B 149 -1.36 -4.36 -28.97
N VAL B 150 -1.41 -3.63 -30.08
CA VAL B 150 -2.15 -4.07 -31.25
C VAL B 150 -1.28 -3.84 -32.46
N ASP B 151 -0.99 -4.94 -33.15
CA ASP B 151 -0.05 -4.93 -34.27
C ASP B 151 1.24 -4.26 -33.82
N ASN B 152 1.60 -4.53 -32.57
CA ASN B 152 2.85 -4.07 -31.94
C ASN B 152 2.99 -2.57 -31.58
N ALA B 153 1.90 -1.82 -31.66
CA ALA B 153 1.88 -0.45 -31.17
C ALA B 153 1.23 -0.47 -29.78
N LEU B 154 1.92 0.11 -28.79
CA LEU B 154 1.43 0.14 -27.41
C LEU B 154 0.27 1.10 -27.21
N GLN B 155 -0.73 0.69 -26.43
CA GLN B 155 -1.96 1.45 -26.25
C GLN B 155 -2.10 2.22 -24.93
N SER B 156 -2.86 3.31 -24.98
CA SER B 156 -3.19 4.06 -23.78
C SER B 156 -4.52 4.77 -24.02
N GLY B 157 -5.30 4.94 -22.96
CA GLY B 157 -6.53 5.70 -23.07
C GLY B 157 -7.77 4.90 -23.40
N ASN B 158 -7.61 3.66 -23.86
CA ASN B 158 -8.77 2.83 -24.17
C ASN B 158 -8.78 1.48 -23.43
N SER B 159 -8.37 1.52 -22.16
CA SER B 159 -8.38 0.35 -21.29
C SER B 159 -8.80 0.74 -19.87
N GLN B 160 -9.37 -0.21 -19.14
CA GLN B 160 -9.76 0.04 -17.74
C GLN B 160 -9.45 -1.20 -16.90
N GLU B 161 -9.13 -0.99 -15.63
CA GLU B 161 -8.74 -2.08 -14.75
C GLU B 161 -9.64 -2.25 -13.54
N SER B 162 -9.71 -3.47 -13.02
CA SER B 162 -10.45 -3.73 -11.81
C SER B 162 -9.75 -4.83 -11.02
N VAL B 163 -9.71 -4.69 -9.70
CA VAL B 163 -9.09 -5.71 -8.88
C VAL B 163 -9.99 -6.20 -7.75
N THR B 164 -9.96 -7.51 -7.51
CA THR B 164 -10.77 -8.10 -6.46
C THR B 164 -10.14 -7.85 -5.11
N GLU B 165 -10.96 -7.92 -4.08
CA GLU B 165 -10.46 -7.81 -2.73
C GLU B 165 -9.58 -9.04 -2.56
N GLN B 166 -8.71 -9.05 -1.55
CA GLN B 166 -7.87 -10.22 -1.33
C GLN B 166 -8.75 -11.44 -1.12
N ASP B 167 -8.41 -12.54 -1.77
CA ASP B 167 -9.15 -13.78 -1.57
C ASP B 167 -9.00 -14.26 -0.13
N SER B 168 -10.09 -14.69 0.48
CA SER B 168 -10.07 -15.12 1.86
C SER B 168 -9.33 -16.46 2.03
N ALA B 169 -9.31 -17.29 0.99
CA ALA B 169 -8.64 -18.57 1.12
C ALA B 169 -7.14 -18.48 0.81
N ASP B 170 -6.77 -18.08 -0.41
CA ASP B 170 -5.35 -18.05 -0.76
C ASP B 170 -4.63 -16.70 -0.66
N SER B 171 -5.35 -15.67 -0.21
CA SER B 171 -4.75 -14.36 0.01
C SER B 171 -4.18 -13.71 -1.26
N THR B 172 -4.69 -14.13 -2.43
CA THR B 172 -4.22 -13.56 -3.69
C THR B 172 -5.19 -12.50 -4.17
N TYR B 173 -4.82 -11.87 -5.27
CA TYR B 173 -5.62 -10.88 -5.94
C TYR B 173 -5.82 -11.38 -7.34
N SER B 174 -6.83 -10.83 -8.01
CA SER B 174 -7.02 -11.07 -9.42
C SER B 174 -7.35 -9.72 -10.04
N LEU B 175 -6.90 -9.51 -11.26
CA LEU B 175 -7.12 -8.25 -11.95
C LEU B 175 -7.61 -8.49 -13.39
N SER B 176 -8.38 -7.55 -13.90
CA SER B 176 -8.84 -7.62 -15.28
C SER B 176 -8.55 -6.30 -15.96
N SER B 177 -7.96 -6.37 -17.14
CA SER B 177 -7.77 -5.19 -17.96
C SER B 177 -8.67 -5.35 -19.18
N THR B 178 -9.52 -4.35 -19.43
CA THR B 178 -10.48 -4.39 -20.52
C THR B 178 -10.24 -3.33 -21.63
N LEU B 179 -9.90 -3.80 -22.83
CA LEU B 179 -9.65 -2.92 -23.97
C LEU B 179 -10.91 -2.72 -24.79
N THR B 180 -11.37 -1.48 -24.89
CA THR B 180 -12.60 -1.19 -25.60
C THR B 180 -12.38 -0.43 -26.89
N LEU B 181 -12.76 -1.05 -28.00
CA LEU B 181 -12.58 -0.44 -29.32
C LEU B 181 -13.92 -0.43 -30.05
N SER B 182 -13.98 0.27 -31.18
CA SER B 182 -15.17 0.20 -32.01
C SER B 182 -14.99 -0.97 -32.95
N LYS B 183 -16.09 -1.58 -33.37
CA LYS B 183 -16.02 -2.68 -34.33
C LYS B 183 -14.96 -2.42 -35.42
N ALA B 184 -15.10 -1.31 -36.14
CA ALA B 184 -14.13 -0.95 -37.18
C ALA B 184 -12.68 -1.02 -36.69
N ASP B 185 -12.41 -0.38 -35.55
CA ASP B 185 -11.07 -0.40 -34.97
C ASP B 185 -10.57 -1.82 -34.79
N TYR B 186 -11.42 -2.67 -34.22
CA TYR B 186 -11.06 -4.07 -34.01
C TYR B 186 -10.71 -4.80 -35.31
N GLU B 187 -11.49 -4.58 -36.37
CA GLU B 187 -11.25 -5.30 -37.63
C GLU B 187 -10.14 -4.67 -38.47
N LYS B 188 -9.56 -3.59 -37.96
CA LYS B 188 -8.48 -2.89 -38.63
C LYS B 188 -7.16 -3.62 -38.43
N HIS B 189 -7.01 -4.20 -37.25
CA HIS B 189 -5.76 -4.84 -36.84
C HIS B 189 -5.92 -6.34 -36.68
N LYS B 190 -4.78 -7.03 -36.58
CA LYS B 190 -4.76 -8.49 -36.47
C LYS B 190 -4.27 -8.99 -35.12
N VAL B 191 -3.08 -8.57 -34.73
CA VAL B 191 -2.50 -9.09 -33.49
C VAL B 191 -2.88 -8.25 -32.27
N TYR B 192 -3.41 -8.95 -31.27
CA TYR B 192 -3.85 -8.32 -30.05
C TYR B 192 -3.12 -8.99 -28.90
N ALA B 193 -2.32 -8.20 -28.17
CA ALA B 193 -1.51 -8.75 -27.10
C ALA B 193 -1.60 -7.95 -25.80
N CYS B 194 -1.54 -8.70 -24.70
CA CYS B 194 -1.56 -8.18 -23.35
C CYS B 194 -0.26 -8.63 -22.68
N GLU B 195 0.58 -7.67 -22.28
CA GLU B 195 1.85 -7.98 -21.61
C GLU B 195 1.73 -7.70 -20.11
N VAL B 196 2.14 -8.66 -19.28
CA VAL B 196 2.05 -8.49 -17.83
C VAL B 196 3.42 -8.42 -17.14
N THR B 197 3.64 -7.34 -16.37
CA THR B 197 4.85 -7.19 -15.58
C THR B 197 4.47 -7.26 -14.10
N HIS B 198 5.16 -8.13 -13.38
CA HIS B 198 4.88 -8.38 -11.97
C HIS B 198 6.17 -8.87 -11.33
N GLN B 199 6.43 -8.49 -10.09
CA GLN B 199 7.68 -8.88 -9.43
C GLN B 199 7.83 -10.40 -9.24
N GLY B 200 6.73 -11.12 -9.40
CA GLY B 200 6.75 -12.57 -9.29
C GLY B 200 7.18 -13.22 -10.58
N LEU B 201 7.45 -12.40 -11.59
CA LEU B 201 7.90 -12.88 -12.89
C LEU B 201 9.27 -12.32 -13.26
N SER B 202 10.21 -13.21 -13.56
CA SER B 202 11.58 -12.85 -13.94
C SER B 202 11.64 -11.90 -15.14
N SER B 203 10.65 -11.97 -16.01
CA SER B 203 10.55 -11.10 -17.19
C SER B 203 9.10 -11.05 -17.64
N PRO B 204 8.63 -9.91 -18.14
CA PRO B 204 7.21 -9.76 -18.50
C PRO B 204 6.70 -10.90 -19.39
N VAL B 205 5.57 -11.52 -19.05
CA VAL B 205 4.99 -12.53 -19.93
C VAL B 205 3.86 -11.95 -20.77
N THR B 206 3.76 -12.41 -22.02
CA THR B 206 2.77 -11.92 -22.98
C THR B 206 1.82 -13.00 -23.44
N LYS B 207 0.52 -12.70 -23.39
CA LYS B 207 -0.49 -13.57 -23.97
C LYS B 207 -1.22 -12.82 -25.10
N SER B 208 -1.13 -13.35 -26.31
CA SER B 208 -1.75 -12.70 -27.46
C SER B 208 -2.59 -13.63 -28.32
N PHE B 209 -3.24 -13.05 -29.32
CA PHE B 209 -4.04 -13.82 -30.28
C PHE B 209 -4.19 -13.02 -31.57
N ASN B 210 -4.34 -13.74 -32.68
CA ASN B 210 -4.58 -13.12 -33.98
C ASN B 210 -6.08 -13.05 -34.28
N ARG B 211 -6.52 -11.94 -34.84
CA ARG B 211 -7.94 -11.78 -35.20
C ARG B 211 -8.38 -12.76 -36.30
N GLY B 212 -9.49 -13.45 -36.06
CA GLY B 212 -10.03 -14.39 -37.03
C GLY B 212 -9.39 -15.77 -37.11
N GLU B 213 -8.66 -16.17 -36.07
CA GLU B 213 -8.01 -17.48 -36.04
C GLU B 213 -7.61 -17.85 -34.61
N GLU C 1 18.99 -19.89 18.42
CA GLU C 1 18.73 -18.42 18.31
C GLU C 1 17.27 -18.11 18.62
N LEU C 2 17.04 -17.16 19.53
CA LEU C 2 15.68 -16.74 19.83
C LEU C 2 15.12 -15.95 18.67
N VAL C 3 13.87 -16.22 18.32
CA VAL C 3 13.22 -15.53 17.22
C VAL C 3 12.27 -14.45 17.73
N MET C 4 12.37 -13.26 17.14
CA MET C 4 11.50 -12.15 17.46
C MET C 4 10.62 -11.93 16.24
N THR C 5 9.34 -12.25 16.37
CA THR C 5 8.43 -12.08 15.25
C THR C 5 7.55 -10.83 15.48
N GLN C 6 7.59 -9.94 14.49
CA GLN C 6 7.04 -8.59 14.62
C GLN C 6 5.80 -8.30 13.79
N SER C 7 4.83 -7.62 14.40
CA SER C 7 3.55 -7.32 13.73
C SER C 7 3.00 -5.93 14.09
N PRO C 8 2.39 -5.23 13.12
CA PRO C 8 2.23 -5.72 11.75
C PRO C 8 3.45 -5.37 10.92
N LYS C 9 3.58 -5.96 9.73
CA LYS C 9 4.73 -5.72 8.89
C LYS C 9 4.74 -4.30 8.38
N PHE C 10 3.57 -3.83 7.98
CA PHE C 10 3.43 -2.49 7.45
C PHE C 10 2.16 -1.88 8.01
N MET C 11 2.13 -0.56 8.13
CA MET C 11 0.93 0.09 8.64
C MET C 11 0.94 1.60 8.37
N SER C 12 -0.20 2.11 7.91
CA SER C 12 -0.37 3.51 7.57
C SER C 12 -1.40 4.14 8.47
N THR C 13 -1.06 5.27 9.11
CA THR C 13 -1.98 5.92 10.05
C THR C 13 -1.98 7.45 9.98
N SER C 14 -3.12 8.07 10.26
CA SER C 14 -3.20 9.52 10.25
C SER C 14 -2.42 10.16 11.40
N VAL C 15 -2.17 11.45 11.29
CA VAL C 15 -1.46 12.18 12.34
C VAL C 15 -2.38 12.41 13.54
N GLY C 16 -1.92 12.01 14.72
CA GLY C 16 -2.70 12.16 15.92
C GLY C 16 -3.22 10.81 16.39
N ASP C 17 -3.11 9.80 15.54
CA ASP C 17 -3.57 8.46 15.86
C ASP C 17 -2.73 7.81 16.94
N ARG C 18 -3.17 6.63 17.37
CA ARG C 18 -2.39 5.80 18.27
C ARG C 18 -2.31 4.40 17.64
N VAL C 19 -1.09 3.95 17.40
CA VAL C 19 -0.85 2.69 16.73
C VAL C 19 0.07 1.86 17.60
N SER C 20 -0.09 0.55 17.56
CA SER C 20 0.72 -0.31 18.43
C SER C 20 1.47 -1.44 17.73
N VAL C 21 2.79 -1.44 17.83
CA VAL C 21 3.61 -2.51 17.27
C VAL C 21 3.80 -3.63 18.29
N THR C 22 3.81 -4.86 17.79
CA THR C 22 3.89 -6.03 18.66
C THR C 22 5.13 -6.87 18.38
N CYS C 23 5.63 -7.52 19.43
CA CYS C 23 6.73 -8.47 19.27
C CYS C 23 6.45 -9.74 20.06
N LYS C 24 6.62 -10.88 19.39
CA LYS C 24 6.46 -12.17 20.04
C LYS C 24 7.81 -12.86 20.06
N ALA C 25 8.22 -13.24 21.27
CA ALA C 25 9.47 -13.97 21.47
C ALA C 25 9.08 -15.43 21.51
N SER C 26 10.00 -16.32 21.17
CA SER C 26 9.68 -17.75 21.20
C SER C 26 10.17 -18.40 22.50
N GLN C 27 10.45 -17.56 23.50
CA GLN C 27 10.92 -18.03 24.80
C GLN C 27 11.00 -16.86 25.77
N ASN C 28 10.44 -17.05 26.96
CA ASN C 28 10.51 -16.02 27.99
C ASN C 28 11.86 -15.31 27.95
N VAL C 29 11.84 -14.04 27.58
CA VAL C 29 13.07 -13.26 27.54
C VAL C 29 13.10 -12.27 28.72
N GLY C 30 12.16 -12.46 29.64
CA GLY C 30 12.03 -11.55 30.77
C GLY C 30 11.56 -10.23 30.21
N THR C 31 12.26 -9.14 30.56
CA THR C 31 11.94 -7.82 30.02
C THR C 31 13.16 -7.27 29.26
N HIS C 32 14.06 -8.16 28.85
CA HIS C 32 15.27 -7.78 28.12
C HIS C 32 14.98 -7.53 26.65
N VAL C 33 14.14 -6.56 26.38
CA VAL C 33 13.89 -6.16 25.00
C VAL C 33 14.03 -4.66 24.83
N ALA C 34 14.56 -4.26 23.68
CA ALA C 34 14.73 -2.85 23.36
C ALA C 34 13.88 -2.57 22.14
N TRP C 35 13.58 -1.30 21.90
CA TRP C 35 12.91 -0.92 20.68
C TRP C 35 13.80 0.11 19.98
N TYR C 36 13.83 0.07 18.66
CA TYR C 36 14.60 1.03 17.90
C TYR C 36 13.73 1.65 16.83
N GLN C 37 14.10 2.86 16.43
CA GLN C 37 13.40 3.57 15.40
C GLN C 37 14.45 3.98 14.38
N GLN C 38 14.22 3.66 13.11
CA GLN C 38 15.14 4.03 12.05
C GLN C 38 14.43 4.88 11.03
N LYS C 39 14.93 6.10 10.83
CA LYS C 39 14.34 7.04 9.87
C LYS C 39 15.09 7.00 8.55
N PRO C 40 14.38 7.39 7.47
CA PRO C 40 14.95 7.40 6.13
C PRO C 40 16.36 7.96 6.15
N GLY C 41 17.31 7.17 5.66
CA GLY C 41 18.70 7.61 5.57
C GLY C 41 19.35 7.87 6.92
N GLN C 42 19.00 7.09 7.93
CA GLN C 42 19.58 7.26 9.26
C GLN C 42 19.87 5.93 9.93
N SER C 43 20.84 5.94 10.84
CA SER C 43 21.13 4.75 11.62
C SER C 43 19.98 4.57 12.59
N PRO C 44 19.77 3.35 13.06
CA PRO C 44 18.69 3.11 14.02
C PRO C 44 18.98 3.82 15.34
N LYS C 45 17.94 4.34 15.97
CA LYS C 45 18.11 5.02 17.25
C LYS C 45 17.30 4.25 18.26
N THR C 46 17.82 4.14 19.46
CA THR C 46 17.15 3.38 20.51
C THR C 46 16.09 4.23 21.20
N LEU C 47 14.86 3.72 21.27
CA LEU C 47 13.81 4.43 21.99
C LEU C 47 13.68 3.90 23.42
N ILE C 48 13.67 2.58 23.54
CA ILE C 48 13.37 1.92 24.82
C ILE C 48 14.28 0.75 25.18
N TYR C 49 14.61 0.67 26.46
CA TYR C 49 15.37 -0.45 26.98
C TYR C 49 14.53 -1.04 28.10
N SER C 50 14.78 -2.30 28.44
CA SER C 50 14.06 -2.95 29.52
C SER C 50 12.56 -2.94 29.31
N ALA C 51 12.15 -3.14 28.06
CA ALA C 51 10.74 -3.23 27.65
C ALA C 51 9.91 -1.96 27.82
N SER C 52 9.90 -1.40 29.03
CA SER C 52 9.01 -0.30 29.37
C SER C 52 9.71 1.01 29.72
N TYR C 53 11.04 1.03 29.60
CA TYR C 53 11.81 2.20 30.00
C TYR C 53 12.31 3.05 28.84
N ARG C 54 12.17 4.36 28.97
CA ARG C 54 12.55 5.29 27.93
C ARG C 54 13.97 5.82 28.14
N TYR C 55 14.67 6.09 27.04
CA TYR C 55 15.97 6.76 27.12
C TYR C 55 15.64 8.26 27.10
N SER C 56 16.59 9.10 27.52
CA SER C 56 16.41 10.56 27.49
C SER C 56 16.18 11.05 26.06
N GLY C 57 15.45 12.15 25.91
CA GLY C 57 15.14 12.68 24.60
C GLY C 57 13.91 12.06 23.95
N VAL C 58 13.72 10.77 24.19
CA VAL C 58 12.57 10.02 23.65
C VAL C 58 11.26 10.61 24.18
N PRO C 59 10.47 11.19 23.28
CA PRO C 59 9.18 11.77 23.66
C PRO C 59 8.30 10.76 24.40
N ASP C 60 7.52 11.25 25.37
CA ASP C 60 6.62 10.38 26.14
C ASP C 60 5.54 9.73 25.26
N ARG C 61 5.29 10.31 24.10
CA ARG C 61 4.34 9.76 23.16
C ARG C 61 4.74 8.31 22.84
N PHE C 62 5.98 7.96 23.18
CA PHE C 62 6.51 6.61 23.01
C PHE C 62 6.46 5.83 24.31
N THR C 63 5.94 4.61 24.26
CA THR C 63 5.91 3.74 25.43
C THR C 63 6.00 2.26 25.05
N GLY C 64 6.61 1.48 25.93
CA GLY C 64 6.73 0.05 25.72
C GLY C 64 6.18 -0.70 26.92
N SER C 65 5.68 -1.91 26.69
CA SER C 65 5.14 -2.72 27.76
C SER C 65 5.35 -4.19 27.44
N GLY C 66 4.87 -5.04 28.34
CA GLY C 66 4.95 -6.49 28.17
C GLY C 66 6.08 -7.13 28.94
N SER C 67 6.12 -8.46 28.87
CA SER C 67 7.16 -9.26 29.51
C SER C 67 6.98 -10.72 29.14
N GLY C 68 8.05 -11.49 29.22
CA GLY C 68 7.98 -12.90 28.87
C GLY C 68 8.18 -13.09 27.39
N THR C 69 7.06 -13.23 26.66
CA THR C 69 7.09 -13.45 25.22
C THR C 69 6.29 -12.39 24.49
N ASP C 70 5.47 -11.63 25.20
CA ASP C 70 4.68 -10.60 24.55
C ASP C 70 5.07 -9.17 24.96
N PHE C 71 5.40 -8.37 23.95
CA PHE C 71 5.81 -6.98 24.17
C PHE C 71 5.17 -6.05 23.14
N THR C 72 5.11 -4.77 23.47
CA THR C 72 4.43 -3.83 22.61
C THR C 72 4.98 -2.42 22.69
N LEU C 73 5.13 -1.82 21.53
CA LEU C 73 5.52 -0.42 21.41
C LEU C 73 4.26 0.32 21.01
N THR C 74 4.00 1.42 21.69
CA THR C 74 2.80 2.19 21.43
C THR C 74 3.21 3.62 21.12
N ILE C 75 2.75 4.16 19.99
CA ILE C 75 2.98 5.57 19.67
C ILE C 75 1.64 6.29 19.80
N ARG C 76 1.57 7.19 20.77
CA ARG C 76 0.31 7.82 21.21
C ARG C 76 -0.19 9.06 20.47
N ASP C 77 0.70 9.86 19.92
CA ASP C 77 0.27 11.03 19.19
C ASP C 77 1.17 11.13 17.97
N VAL C 78 0.91 10.25 17.01
CA VAL C 78 1.73 10.12 15.81
C VAL C 78 1.93 11.42 15.02
N GLN C 79 3.19 11.72 14.73
CA GLN C 79 3.56 12.90 13.96
C GLN C 79 4.14 12.44 12.63
N SER C 80 4.15 13.33 11.64
CA SER C 80 4.73 13.02 10.34
C SER C 80 6.20 12.64 10.51
N GLU C 81 6.90 13.36 11.39
CA GLU C 81 8.31 13.11 11.62
C GLU C 81 8.57 11.70 12.16
N ASP C 82 7.50 10.97 12.46
CA ASP C 82 7.68 9.61 12.99
C ASP C 82 7.61 8.56 11.87
N ALA C 83 7.53 9.04 10.64
CA ALA C 83 7.55 8.16 9.49
C ALA C 83 8.82 7.38 9.71
N ALA C 84 8.73 6.05 9.79
CA ALA C 84 9.95 5.25 9.91
C ALA C 84 9.69 3.77 10.07
N GLU C 85 10.78 3.04 10.17
CA GLU C 85 10.74 1.61 10.42
C GLU C 85 11.12 1.38 11.86
N TYR C 86 10.36 0.53 12.54
CA TYR C 86 10.61 0.25 13.94
C TYR C 86 11.01 -1.20 14.14
N PHE C 87 11.87 -1.44 15.14
CA PHE C 87 12.36 -2.78 15.44
C PHE C 87 12.42 -3.06 16.93
N CYS C 88 12.08 -4.26 17.31
CA CYS C 88 12.25 -4.67 18.69
C CYS C 88 13.51 -5.54 18.72
N GLN C 89 14.02 -5.80 19.90
CA GLN C 89 15.26 -6.56 20.03
C GLN C 89 15.30 -7.35 21.34
N GLN C 90 15.76 -8.58 21.25
CA GLN C 90 15.91 -9.41 22.43
C GLN C 90 17.39 -9.45 22.81
N TYR C 91 17.68 -9.20 24.08
CA TYR C 91 19.06 -9.28 24.56
C TYR C 91 19.09 -10.03 25.90
N ASN C 92 18.17 -10.97 26.05
CA ASN C 92 18.12 -11.79 27.24
C ASN C 92 19.06 -12.97 27.12
N LEU C 93 19.45 -13.25 25.88
CA LEU C 93 20.30 -14.39 25.59
C LEU C 93 21.01 -14.17 24.26
N PHE C 94 22.31 -14.38 24.24
CA PHE C 94 23.06 -14.31 23.00
C PHE C 94 22.69 -15.51 22.14
N PRO C 95 22.65 -15.35 20.81
CA PRO C 95 22.94 -14.06 20.16
C PRO C 95 21.79 -13.07 20.22
N VAL C 96 22.12 -11.78 20.34
CA VAL C 96 21.12 -10.73 20.27
C VAL C 96 20.40 -10.86 18.93
N THR C 97 19.07 -10.76 18.93
CA THR C 97 18.34 -10.85 17.67
C THR C 97 17.25 -9.79 17.53
N PHE C 98 17.03 -9.34 16.31
CA PHE C 98 16.09 -8.27 16.03
C PHE C 98 14.83 -8.77 15.34
N GLY C 99 13.71 -8.12 15.63
CA GLY C 99 12.48 -8.47 14.94
C GLY C 99 12.63 -8.08 13.49
N GLY C 100 11.80 -8.67 12.63
CA GLY C 100 11.82 -8.37 11.21
C GLY C 100 11.50 -6.91 10.89
N GLY C 101 10.79 -6.23 11.78
CA GLY C 101 10.47 -4.83 11.58
C GLY C 101 9.03 -4.51 11.19
N THR C 102 8.68 -3.24 11.36
CA THR C 102 7.37 -2.69 11.02
C THR C 102 7.56 -1.35 10.31
N LYS C 103 6.97 -1.19 9.13
CA LYS C 103 7.12 0.06 8.41
C LYS C 103 5.90 0.90 8.66
N LEU C 104 6.11 2.11 9.16
CA LEU C 104 4.99 3.01 9.44
C LEU C 104 4.89 4.22 8.50
N GLU C 105 3.94 4.17 7.56
CA GLU C 105 3.75 5.32 6.68
C GLU C 105 2.65 6.18 7.30
N ILE C 106 2.57 7.43 6.88
CA ILE C 106 1.53 8.29 7.41
C ILE C 106 0.43 8.51 6.36
N LYS C 107 -0.82 8.26 6.72
CA LYS C 107 -1.91 8.55 5.80
C LYS C 107 -2.23 10.02 5.86
N ARG C 108 -2.22 10.66 4.70
CA ARG C 108 -2.56 12.07 4.58
C ARG C 108 -3.59 12.19 3.49
N THR C 109 -4.07 13.41 3.24
CA THR C 109 -5.05 13.60 2.18
C THR C 109 -4.38 13.32 0.86
N VAL C 110 -5.17 12.98 -0.14
CA VAL C 110 -4.59 12.77 -1.46
C VAL C 110 -4.04 14.11 -1.95
N ALA C 111 -2.96 14.04 -2.72
CA ALA C 111 -2.33 15.23 -3.29
C ALA C 111 -1.81 14.91 -4.69
N ALA C 112 -2.31 15.63 -5.68
CA ALA C 112 -1.89 15.40 -7.05
C ALA C 112 -0.40 15.70 -7.22
N PRO C 113 0.25 14.96 -8.12
CA PRO C 113 1.65 15.21 -8.45
C PRO C 113 1.85 16.55 -9.14
N SER C 114 3.09 17.05 -9.10
CA SER C 114 3.49 18.22 -9.88
C SER C 114 4.46 17.64 -10.88
N VAL C 115 4.12 17.76 -12.16
CA VAL C 115 4.89 17.15 -13.22
C VAL C 115 5.79 18.12 -13.96
N PHE C 116 7.09 17.82 -13.95
CA PHE C 116 8.06 18.63 -14.67
C PHE C 116 8.87 17.71 -15.55
N ILE C 117 9.32 18.22 -16.68
CA ILE C 117 10.08 17.44 -17.64
C ILE C 117 11.35 18.20 -17.98
N PHE C 118 12.45 17.46 -18.13
CA PHE C 118 13.74 18.05 -18.46
C PHE C 118 14.41 17.31 -19.61
N PRO C 119 14.77 18.02 -20.66
CA PRO C 119 15.55 17.43 -21.75
C PRO C 119 16.99 17.15 -21.27
N PRO C 120 17.79 16.46 -22.07
CA PRO C 120 19.17 16.17 -21.68
C PRO C 120 20.00 17.45 -21.77
N SER C 121 21.08 17.52 -21.01
CA SER C 121 21.93 18.69 -21.11
C SER C 121 22.68 18.63 -22.43
N ASP C 122 23.06 19.79 -22.96
CA ASP C 122 23.84 19.85 -24.19
C ASP C 122 25.18 19.17 -23.93
N GLU C 123 25.51 19.00 -22.66
CA GLU C 123 26.79 18.47 -22.22
C GLU C 123 26.86 16.94 -22.25
N GLN C 124 25.75 16.29 -21.93
CA GLN C 124 25.70 14.84 -21.98
C GLN C 124 25.57 14.39 -23.43
N LEU C 125 24.81 15.16 -24.19
CA LEU C 125 24.49 14.87 -25.60
C LEU C 125 25.70 14.51 -26.46
N LYS C 126 26.85 15.09 -26.15
CA LYS C 126 28.04 14.87 -26.98
C LYS C 126 28.77 13.59 -26.61
N SER C 127 28.50 13.05 -25.42
CA SER C 127 29.13 11.81 -24.97
C SER C 127 28.55 10.59 -25.69
N GLY C 128 27.35 10.78 -26.27
CA GLY C 128 26.70 9.74 -27.05
C GLY C 128 25.33 9.32 -26.57
N THR C 129 24.95 9.77 -25.38
CA THR C 129 23.69 9.37 -24.76
C THR C 129 22.71 10.52 -24.52
N ALA C 130 21.43 10.16 -24.32
CA ALA C 130 20.36 11.11 -24.06
C ALA C 130 19.47 10.65 -22.91
N SER C 131 19.49 11.41 -21.82
CA SER C 131 18.66 11.11 -20.67
C SER C 131 17.58 12.17 -20.57
N VAL C 132 16.33 11.74 -20.66
CA VAL C 132 15.21 12.66 -20.53
C VAL C 132 14.53 12.33 -19.21
N VAL C 133 14.54 13.28 -18.28
CA VAL C 133 13.92 13.03 -16.99
C VAL C 133 12.57 13.72 -16.86
N CYS C 134 11.65 13.03 -16.19
CA CYS C 134 10.32 13.53 -15.92
C CYS C 134 10.09 13.35 -14.42
N LEU C 135 9.74 14.46 -13.76
CA LEU C 135 9.55 14.48 -12.32
C LEU C 135 8.10 14.65 -11.84
N LEU C 136 7.62 13.68 -11.07
CA LEU C 136 6.33 13.76 -10.42
C LEU C 136 6.63 14.08 -8.97
N ASN C 137 6.23 15.26 -8.53
CA ASN C 137 6.64 15.75 -7.22
C ASN C 137 5.55 15.96 -6.21
N ASN C 138 5.80 15.47 -4.99
CA ASN C 138 4.95 15.76 -3.85
C ASN C 138 3.52 15.30 -3.96
N PHE C 139 3.32 13.99 -4.04
CA PHE C 139 1.99 13.43 -4.16
C PHE C 139 1.72 12.39 -3.08
N TYR C 140 0.45 11.94 -3.00
CA TYR C 140 0.02 10.87 -2.10
C TYR C 140 -1.38 10.39 -2.52
N PRO C 141 -1.62 9.08 -2.52
CA PRO C 141 -0.63 8.07 -2.11
C PRO C 141 0.41 7.77 -3.19
N ARG C 142 1.40 6.95 -2.83
CA ARG C 142 2.53 6.63 -3.68
C ARG C 142 2.28 5.94 -5.03
N GLU C 143 1.06 5.45 -5.27
CA GLU C 143 0.77 4.79 -6.55
C GLU C 143 0.75 5.78 -7.71
N ALA C 144 1.52 5.52 -8.75
CA ALA C 144 1.63 6.45 -9.88
C ALA C 144 2.12 5.81 -11.20
N ALA C 145 1.35 6.02 -12.26
CA ALA C 145 1.74 5.48 -13.57
C ALA C 145 2.29 6.60 -14.46
N VAL C 146 3.45 6.33 -15.05
CA VAL C 146 4.11 7.28 -15.93
C VAL C 146 4.40 6.64 -17.28
N ALA C 147 3.81 7.18 -18.34
CA ALA C 147 4.11 6.68 -19.65
C ALA C 147 4.86 7.75 -20.45
N TRP C 148 5.86 7.31 -21.19
CA TRP C 148 6.61 8.18 -22.08
C TRP C 148 6.10 8.04 -23.51
N LYS C 149 5.93 9.15 -24.22
CA LYS C 149 5.62 9.08 -25.66
C LYS C 149 6.66 9.89 -26.42
N VAL C 150 6.98 9.45 -27.64
CA VAL C 150 7.96 10.13 -28.48
C VAL C 150 7.37 10.20 -29.88
N ASP C 151 7.14 11.42 -30.35
CA ASP C 151 6.46 11.64 -31.63
C ASP C 151 5.13 10.89 -31.57
N ASN C 152 4.53 10.90 -30.39
CA ASN C 152 3.22 10.29 -30.14
C ASN C 152 3.26 8.77 -30.01
N ALA C 153 4.44 8.18 -30.15
CA ALA C 153 4.62 6.74 -30.01
C ALA C 153 5.00 6.34 -28.58
N LEU C 154 4.11 5.59 -27.93
CA LEU C 154 4.33 5.16 -26.54
C LEU C 154 5.50 4.19 -26.36
N GLN C 155 6.37 4.47 -25.41
CA GLN C 155 7.55 3.64 -25.18
C GLN C 155 7.44 2.66 -24.01
N SER C 156 8.27 1.63 -24.06
CA SER C 156 8.39 0.64 -23.01
C SER C 156 9.78 0.03 -23.11
N GLY C 157 10.33 -0.40 -21.97
CA GLY C 157 11.63 -1.03 -21.97
C GLY C 157 12.84 -0.11 -22.04
N ASN C 158 12.64 1.21 -22.08
CA ASN C 158 13.78 2.13 -22.16
C ASN C 158 13.79 3.22 -21.07
N SER C 159 13.18 2.94 -19.94
CA SER C 159 13.10 3.90 -18.86
C SER C 159 13.07 3.20 -17.52
N GLN C 160 13.34 3.95 -16.46
CA GLN C 160 13.40 3.41 -15.10
C GLN C 160 12.82 4.40 -14.08
N GLU C 161 12.14 3.86 -13.06
CA GLU C 161 11.49 4.67 -12.03
C GLU C 161 12.23 4.63 -10.71
N SER C 162 12.00 5.65 -9.89
CA SER C 162 12.55 5.70 -8.54
C SER C 162 11.68 6.59 -7.68
N VAL C 163 11.40 6.13 -6.45
CA VAL C 163 10.53 6.85 -5.52
C VAL C 163 11.22 7.06 -4.18
N THR C 164 11.15 8.29 -3.69
CA THR C 164 11.74 8.60 -2.41
C THR C 164 10.90 8.04 -1.27
N GLU C 165 11.51 7.96 -0.10
CA GLU C 165 10.81 7.58 1.10
C GLU C 165 9.81 8.69 1.36
N GLN C 166 8.80 8.41 2.19
CA GLN C 166 7.81 9.43 2.54
C GLN C 166 8.50 10.60 3.23
N ASP C 167 8.29 11.80 2.70
CA ASP C 167 8.86 13.02 3.26
C ASP C 167 8.34 13.22 4.70
N SER C 168 9.24 13.51 5.62
CA SER C 168 8.85 13.57 7.02
C SER C 168 8.12 14.84 7.43
N ALA C 169 8.10 15.84 6.56
CA ALA C 169 7.45 17.10 6.86
C ALA C 169 6.02 17.18 6.29
N ASP C 170 5.88 17.03 4.97
CA ASP C 170 4.56 17.07 4.30
C ASP C 170 3.94 15.70 3.98
N SER C 171 4.65 14.61 4.29
CA SER C 171 4.16 13.24 4.08
C SER C 171 3.84 12.86 2.61
N THR C 172 4.43 13.58 1.66
CA THR C 172 4.26 13.28 0.24
C THR C 172 5.36 12.35 -0.28
N TYR C 173 5.20 11.89 -1.52
CA TYR C 173 6.22 11.10 -2.19
C TYR C 173 6.61 11.86 -3.42
N SER C 174 7.75 11.49 -3.99
CA SER C 174 8.15 12.07 -5.25
C SER C 174 8.69 10.96 -6.14
N LEU C 175 8.51 11.12 -7.44
CA LEU C 175 8.97 10.11 -8.37
C LEU C 175 9.68 10.70 -9.59
N SER C 176 10.73 10.03 -10.01
CA SER C 176 11.49 10.41 -11.18
C SER C 176 11.45 9.28 -12.18
N SER C 177 11.14 9.61 -13.43
CA SER C 177 11.20 8.64 -14.53
C SER C 177 12.26 9.09 -15.51
N THR C 178 13.22 8.22 -15.81
CA THR C 178 14.31 8.59 -16.72
C THR C 178 14.29 7.82 -18.04
N LEU C 179 14.08 8.55 -19.14
CA LEU C 179 14.07 7.94 -20.46
C LEU C 179 15.47 7.97 -21.04
N THR C 180 16.00 6.79 -21.39
CA THR C 180 17.35 6.72 -21.94
C THR C 180 17.36 6.26 -23.40
N LEU C 181 17.88 7.11 -24.27
CA LEU C 181 18.03 6.75 -25.68
C LEU C 181 19.44 7.05 -26.14
N SER C 182 19.74 6.68 -27.38
CA SER C 182 21.01 6.99 -28.01
C SER C 182 20.90 8.43 -28.52
N LYS C 183 22.03 9.11 -28.66
CA LYS C 183 22.01 10.47 -29.20
C LYS C 183 21.34 10.48 -30.55
N ALA C 184 21.68 9.51 -31.40
CA ALA C 184 21.08 9.42 -32.73
C ALA C 184 19.56 9.35 -32.62
N ASP C 185 19.04 8.42 -31.82
CA ASP C 185 17.60 8.28 -31.66
C ASP C 185 16.99 9.58 -31.18
N TYR C 186 17.55 10.14 -30.11
CA TYR C 186 17.03 11.41 -29.61
C TYR C 186 16.97 12.42 -30.76
N GLU C 187 18.05 12.52 -31.52
CA GLU C 187 18.13 13.50 -32.61
C GLU C 187 17.06 13.28 -33.68
N LYS C 188 16.63 12.04 -33.85
CA LYS C 188 15.68 11.69 -34.90
C LYS C 188 14.23 12.06 -34.62
N HIS C 189 13.94 12.50 -33.39
CA HIS C 189 12.55 12.77 -33.02
C HIS C 189 12.36 14.16 -32.41
N LYS C 190 11.14 14.69 -32.54
CA LYS C 190 10.83 16.06 -32.11
C LYS C 190 10.09 16.17 -30.78
N VAL C 191 8.89 15.60 -30.70
CA VAL C 191 8.09 15.70 -29.48
C VAL C 191 8.51 14.68 -28.44
N TYR C 192 8.76 15.16 -27.23
CA TYR C 192 9.08 14.28 -26.12
C TYR C 192 8.11 14.62 -25.00
N ALA C 193 7.36 13.61 -24.57
CA ALA C 193 6.28 13.83 -23.62
C ALA C 193 6.22 12.76 -22.54
N CYS C 194 5.80 13.15 -21.35
CA CYS C 194 5.62 12.20 -20.29
C CYS C 194 4.24 12.43 -19.71
N GLU C 195 3.40 11.39 -19.78
CA GLU C 195 2.03 11.46 -19.30
C GLU C 195 1.89 10.79 -17.93
N VAL C 196 1.31 11.51 -16.98
CA VAL C 196 1.21 11.03 -15.62
C VAL C 196 -0.23 10.76 -15.24
N THR C 197 -0.46 9.62 -14.61
CA THR C 197 -1.80 9.27 -14.18
C THR C 197 -1.78 8.97 -12.67
N HIS C 198 -2.64 9.67 -11.94
CA HIS C 198 -2.67 9.59 -10.48
C HIS C 198 -4.07 9.93 -9.99
N GLN C 199 -4.51 9.26 -8.92
CA GLN C 199 -5.88 9.44 -8.45
C GLN C 199 -6.26 10.87 -8.06
N GLY C 200 -5.27 11.69 -7.71
CA GLY C 200 -5.52 13.09 -7.41
C GLY C 200 -5.83 13.92 -8.63
N LEU C 201 -5.68 13.33 -9.82
CA LEU C 201 -5.94 14.05 -11.07
C LEU C 201 -7.26 13.62 -11.66
N SER C 202 -8.04 14.57 -12.13
CA SER C 202 -9.33 14.27 -12.71
C SER C 202 -9.11 13.48 -14.00
N SER C 203 -7.92 13.66 -14.57
CA SER C 203 -7.51 13.01 -15.81
C SER C 203 -6.01 13.24 -16.01
N PRO C 204 -5.33 12.29 -16.65
CA PRO C 204 -3.88 12.36 -16.85
C PRO C 204 -3.34 13.70 -17.39
N VAL C 205 -2.29 14.19 -16.75
CA VAL C 205 -1.58 15.40 -17.15
C VAL C 205 -0.47 14.96 -18.09
N THR C 206 -0.21 15.78 -19.10
CA THR C 206 0.92 15.51 -20.00
C THR C 206 1.84 16.73 -20.08
N LYS C 207 3.11 16.52 -19.70
CA LYS C 207 4.13 17.55 -19.81
C LYS C 207 5.01 17.15 -20.98
N SER C 208 5.32 18.10 -21.87
CA SER C 208 6.11 17.78 -23.05
C SER C 208 6.98 18.94 -23.54
N PHE C 209 7.94 18.62 -24.40
CA PHE C 209 8.77 19.64 -25.05
C PHE C 209 9.13 19.19 -26.46
N ASN C 210 9.48 20.12 -27.32
CA ASN C 210 9.97 19.77 -28.64
C ASN C 210 11.50 19.92 -28.62
N ARG C 211 12.18 19.15 -29.46
CA ARG C 211 13.63 19.13 -29.47
C ARG C 211 14.22 20.42 -30.04
N GLY C 212 15.18 20.99 -29.31
CA GLY C 212 15.89 22.18 -29.74
C GLY C 212 15.05 23.43 -29.74
N GLU C 213 14.09 23.47 -28.82
CA GLU C 213 13.19 24.61 -28.70
C GLU C 213 12.75 24.80 -27.26
N GLN D 3 28.54 11.44 17.06
CA GLN D 3 29.36 11.02 18.25
C GLN D 3 30.36 9.93 17.86
N LEU D 4 30.03 9.16 16.83
CA LEU D 4 30.91 8.09 16.38
C LEU D 4 31.36 8.25 14.93
N LEU D 5 32.63 7.94 14.68
CA LEU D 5 33.18 7.97 13.34
C LEU D 5 33.36 6.53 12.88
N GLU D 6 33.38 6.33 11.56
CA GLU D 6 33.58 5.01 10.98
C GLU D 6 34.36 5.15 9.69
N SER D 7 35.00 4.07 9.25
CA SER D 7 35.76 4.11 8.01
C SER D 7 34.80 4.40 6.84
N GLY D 8 35.32 4.84 5.71
CA GLY D 8 34.49 5.22 4.58
C GLY D 8 33.91 4.04 3.85
N PRO D 9 33.13 4.31 2.81
CA PRO D 9 32.53 3.24 1.99
C PRO D 9 33.63 2.30 1.48
N GLU D 10 33.27 1.06 1.14
CA GLU D 10 34.27 0.09 0.67
C GLU D 10 33.87 -0.63 -0.61
N LEU D 11 34.85 -0.90 -1.45
CA LEU D 11 34.67 -1.71 -2.64
C LEU D 11 35.64 -2.87 -2.50
N VAL D 12 35.13 -4.06 -2.25
CA VAL D 12 36.05 -5.19 -2.06
C VAL D 12 35.81 -6.36 -3.01
N GLU D 13 36.89 -6.76 -3.67
CA GLU D 13 36.91 -7.92 -4.54
C GLU D 13 36.44 -9.17 -3.80
N PRO D 14 35.69 -10.03 -4.48
CA PRO D 14 35.30 -11.32 -3.90
C PRO D 14 36.54 -12.05 -3.37
N GLY D 15 36.40 -12.75 -2.24
CA GLY D 15 37.51 -13.49 -1.67
C GLY D 15 38.45 -12.62 -0.85
N ALA D 16 38.54 -11.34 -1.23
CA ALA D 16 39.39 -10.38 -0.54
C ALA D 16 38.96 -10.15 0.91
N SER D 17 39.64 -9.23 1.58
CA SER D 17 39.38 -8.96 2.98
C SER D 17 39.17 -7.46 3.19
N VAL D 18 38.60 -7.10 4.33
CA VAL D 18 38.33 -5.70 4.63
C VAL D 18 38.24 -5.47 6.13
N LYS D 19 38.97 -4.48 6.62
CA LYS D 19 38.93 -4.11 8.03
C LYS D 19 38.24 -2.76 8.16
N VAL D 20 37.17 -2.70 8.95
CA VAL D 20 36.47 -1.44 9.20
C VAL D 20 36.87 -0.93 10.58
N SER D 21 36.86 0.38 10.77
CA SER D 21 37.19 0.97 12.06
C SER D 21 36.05 1.84 12.60
N CYS D 22 36.01 1.97 13.92
CA CYS D 22 34.98 2.72 14.62
C CYS D 22 35.65 3.47 15.76
N LYS D 23 35.43 4.77 15.84
CA LYS D 23 36.09 5.58 16.86
C LYS D 23 35.17 6.71 17.34
N ALA D 24 35.18 6.98 18.64
CA ALA D 24 34.40 8.07 19.23
C ALA D 24 35.11 9.44 19.14
N SER D 25 34.32 10.49 18.92
CA SER D 25 34.82 11.86 18.72
C SER D 25 35.51 12.47 19.96
N ALA D 26 34.74 12.65 21.04
CA ALA D 26 35.25 13.27 22.28
C ALA D 26 35.28 12.32 23.48
N TYR D 27 35.00 11.05 23.25
CA TYR D 27 35.02 10.05 24.31
C TYR D 27 35.69 8.76 23.83
N SER D 28 36.10 7.93 24.78
CA SER D 28 36.67 6.62 24.48
C SER D 28 35.56 5.57 24.44
N ILE D 29 35.32 4.95 23.28
CA ILE D 29 34.31 3.89 23.18
C ILE D 29 34.75 2.62 23.88
N THR D 30 36.06 2.42 23.96
CA THR D 30 36.63 1.22 24.55
C THR D 30 36.41 1.05 26.06
N ASP D 31 35.87 2.04 26.76
CA ASP D 31 35.50 1.78 28.16
C ASP D 31 34.00 1.63 28.32
N PHE D 32 33.34 1.41 27.18
CA PHE D 32 31.92 1.10 27.10
C PHE D 32 31.77 -0.19 26.26
N ASN D 33 30.57 -0.74 26.19
CA ASN D 33 30.37 -1.93 25.36
C ASN D 33 30.35 -1.57 23.88
N ILE D 34 30.99 -2.41 23.07
CA ILE D 34 31.00 -2.21 21.64
C ILE D 34 30.44 -3.43 20.94
N TYR D 35 29.54 -3.19 19.99
CA TYR D 35 29.04 -4.30 19.18
C TYR D 35 28.87 -3.89 17.74
N TRP D 36 28.74 -4.88 16.86
CA TRP D 36 28.56 -4.60 15.44
C TRP D 36 27.29 -5.27 14.92
N VAL D 37 26.65 -4.59 13.97
CA VAL D 37 25.35 -5.01 13.46
C VAL D 37 25.33 -4.87 11.94
N LYS D 38 24.75 -5.87 11.27
CA LYS D 38 24.68 -5.88 9.81
C LYS D 38 23.28 -5.63 9.31
N GLN D 39 23.17 -4.67 8.40
CA GLN D 39 21.89 -4.38 7.75
C GLN D 39 21.95 -4.76 6.28
N SER D 40 21.08 -5.69 5.86
CA SER D 40 21.19 -6.29 4.54
C SER D 40 19.95 -6.30 3.67
N HIS D 41 19.62 -7.48 3.14
CA HIS D 41 18.53 -7.73 2.19
C HIS D 41 17.34 -6.80 2.35
N GLY D 42 17.40 -5.66 1.65
CA GLY D 42 16.47 -4.57 1.86
C GLY D 42 17.07 -3.92 3.11
N LYS D 43 16.27 -3.89 4.19
CA LYS D 43 16.76 -3.44 5.50
C LYS D 43 16.23 -4.37 6.59
N ASN D 44 17.15 -5.06 7.26
CA ASN D 44 16.82 -5.99 8.33
C ASN D 44 18.09 -6.35 9.08
N LEU D 45 18.01 -6.44 10.40
CA LEU D 45 19.19 -6.46 11.25
C LEU D 45 19.70 -7.77 11.83
N GLU D 46 21.03 -7.87 11.89
CA GLU D 46 21.69 -9.02 12.49
C GLU D 46 22.84 -8.57 13.39
N TRP D 47 22.75 -8.97 14.65
CA TRP D 47 23.79 -8.68 15.60
C TRP D 47 24.98 -9.61 15.32
N ILE D 48 26.12 -9.00 14.98
CA ILE D 48 27.32 -9.75 14.63
C ILE D 48 28.09 -10.23 15.86
N GLY D 49 28.24 -9.36 16.85
CA GLY D 49 28.95 -9.70 18.06
C GLY D 49 29.39 -8.43 18.73
N GLY D 50 30.04 -8.54 19.88
CA GLY D 50 30.54 -7.37 20.58
C GLY D 50 31.61 -7.70 21.59
N ILE D 51 32.21 -6.66 22.17
CA ILE D 51 33.24 -6.83 23.17
C ILE D 51 32.84 -6.09 24.44
N ASP D 52 33.18 -6.68 25.58
CA ASP D 52 32.90 -6.10 26.89
C ASP D 52 34.19 -5.49 27.43
N PRO D 53 34.08 -4.25 27.92
CA PRO D 53 35.25 -3.53 28.45
C PRO D 53 35.68 -4.06 29.80
N HIS D 54 34.78 -4.80 30.44
CA HIS D 54 34.97 -5.29 31.80
C HIS D 54 35.31 -6.78 31.88
N ASN D 55 36.01 -7.34 30.90
CA ASN D 55 36.34 -8.77 30.92
C ASN D 55 36.69 -9.31 29.53
N GLY D 56 37.98 -9.54 29.31
CA GLY D 56 38.47 -10.01 28.01
C GLY D 56 37.62 -11.03 27.26
N GLY D 57 37.53 -10.85 25.94
CA GLY D 57 36.81 -11.78 25.08
C GLY D 57 35.61 -11.20 24.35
N PRO D 58 35.63 -11.31 23.02
CA PRO D 58 34.50 -10.88 22.21
C PRO D 58 33.47 -12.00 22.12
N VAL D 59 32.20 -11.64 22.16
CA VAL D 59 31.13 -12.62 22.06
C VAL D 59 30.60 -12.61 20.64
N TYR D 60 30.58 -13.79 20.02
CA TYR D 60 30.24 -13.92 18.60
C TYR D 60 28.88 -14.56 18.29
N ASN D 61 28.31 -14.10 17.17
CA ASN D 61 27.13 -14.71 16.59
C ASN D 61 27.59 -15.92 15.77
N GLN D 62 27.09 -17.12 16.10
CA GLN D 62 27.52 -18.34 15.42
C GLN D 62 27.41 -18.25 13.89
N LYS D 63 26.40 -17.54 13.39
CA LYS D 63 26.21 -17.41 11.95
C LYS D 63 27.37 -16.67 11.27
N PHE D 64 28.08 -15.84 12.02
CA PHE D 64 29.24 -15.12 11.47
C PHE D 64 30.56 -15.73 11.93
N ASN D 65 30.47 -16.85 12.65
CA ASN D 65 31.63 -17.56 13.13
C ASN D 65 32.65 -17.80 12.01
N GLY D 66 33.85 -17.26 12.19
CA GLY D 66 34.91 -17.46 11.21
C GLY D 66 34.90 -16.43 10.11
N LYS D 67 33.84 -15.63 10.04
CA LYS D 67 33.73 -14.61 9.00
C LYS D 67 34.00 -13.21 9.55
N ALA D 68 33.78 -13.06 10.85
CA ALA D 68 33.95 -11.79 11.54
C ALA D 68 34.98 -11.90 12.67
N THR D 69 35.91 -10.96 12.70
CA THR D 69 36.94 -10.89 13.72
C THR D 69 36.83 -9.51 14.37
N LEU D 70 36.71 -9.50 15.69
CA LEU D 70 36.54 -8.25 16.42
C LEU D 70 37.75 -7.97 17.31
N THR D 71 38.34 -6.78 17.14
CA THR D 71 39.49 -6.37 17.94
C THR D 71 39.25 -4.95 18.43
N VAL D 72 40.01 -4.55 19.44
CA VAL D 72 39.91 -3.21 19.99
C VAL D 72 41.31 -2.72 20.27
N ASP D 73 41.49 -1.41 20.21
CA ASP D 73 42.75 -0.80 20.55
C ASP D 73 42.47 0.25 21.62
N LYS D 74 42.42 -0.22 22.87
CA LYS D 74 42.15 0.63 24.03
C LYS D 74 42.95 1.93 24.07
N SER D 75 44.12 1.94 23.43
CA SER D 75 44.98 3.11 23.41
C SER D 75 44.46 4.23 22.52
N SER D 76 43.89 3.88 21.37
CA SER D 76 43.39 4.87 20.44
C SER D 76 41.86 4.96 20.46
N SER D 77 41.25 4.33 21.46
CA SER D 77 39.79 4.30 21.57
C SER D 77 39.17 3.91 20.24
N THR D 78 39.73 2.88 19.61
CA THR D 78 39.31 2.45 18.28
C THR D 78 38.94 0.98 18.28
N ALA D 79 37.79 0.66 17.69
CA ALA D 79 37.34 -0.72 17.54
C ALA D 79 37.32 -1.16 16.07
N PHE D 80 37.82 -2.36 15.82
CA PHE D 80 37.88 -2.90 14.46
C PHE D 80 36.97 -4.11 14.24
N MET D 81 36.58 -4.30 12.98
CA MET D 81 35.84 -5.48 12.52
C MET D 81 36.52 -5.92 11.25
N HIS D 82 36.91 -7.19 11.19
CA HIS D 82 37.63 -7.73 10.04
C HIS D 82 36.81 -8.83 9.39
N LEU D 83 36.28 -8.52 8.22
CA LEU D 83 35.50 -9.49 7.47
C LEU D 83 36.40 -10.09 6.39
N ASN D 84 36.61 -11.40 6.45
CA ASN D 84 37.43 -12.06 5.45
C ASN D 84 36.58 -12.84 4.44
N SER D 85 37.23 -13.37 3.41
CA SER D 85 36.53 -14.13 2.38
C SER D 85 35.16 -13.52 2.02
N LEU D 86 35.18 -12.31 1.46
CA LEU D 86 33.94 -11.63 1.12
C LEU D 86 33.25 -12.26 -0.09
N THR D 87 31.93 -12.30 -0.01
CA THR D 87 31.08 -12.74 -1.11
C THR D 87 29.99 -11.68 -1.23
N SER D 88 29.32 -11.64 -2.37
CA SER D 88 28.28 -10.63 -2.58
C SER D 88 27.20 -10.65 -1.49
N GLU D 89 27.16 -11.72 -0.70
CA GLU D 89 26.21 -11.81 0.39
C GLU D 89 26.76 -11.08 1.61
N ASP D 90 27.98 -10.58 1.48
CA ASP D 90 28.58 -9.79 2.56
C ASP D 90 28.45 -8.30 2.22
N SER D 91 27.78 -8.03 1.11
CA SER D 91 27.53 -6.67 0.67
C SER D 91 26.42 -6.10 1.53
N ALA D 92 26.68 -5.00 2.22
CA ALA D 92 25.65 -4.38 3.06
C ALA D 92 26.18 -3.34 4.04
N VAL D 93 25.27 -2.61 4.67
CA VAL D 93 25.68 -1.57 5.61
C VAL D 93 26.04 -2.18 6.97
N TYR D 94 27.13 -1.69 7.54
CA TYR D 94 27.66 -2.20 8.81
C TYR D 94 27.79 -1.09 9.86
N TYR D 95 27.04 -1.19 10.95
CA TYR D 95 27.13 -0.21 12.02
C TYR D 95 27.89 -0.74 13.22
N CYS D 96 28.61 0.14 13.90
CA CYS D 96 29.16 -0.21 15.19
C CYS D 96 28.27 0.52 16.18
N ALA D 97 28.14 -0.01 17.37
CA ALA D 97 27.27 0.60 18.37
C ALA D 97 27.96 0.52 19.70
N ILE D 98 27.75 1.54 20.51
CA ILE D 98 28.34 1.60 21.84
C ILE D 98 27.23 1.72 22.86
N PHE D 99 27.43 1.09 24.01
CA PHE D 99 26.45 1.18 25.10
C PHE D 99 27.04 0.93 26.48
N TYR D 100 26.36 1.43 27.50
CA TYR D 100 26.77 1.18 28.89
C TYR D 100 25.54 1.06 29.80
N GLY D 101 25.32 -0.14 30.33
CA GLY D 101 24.13 -0.40 31.12
C GLY D 101 22.94 0.19 30.40
N ASN D 102 22.00 0.76 31.16
CA ASN D 102 20.83 1.37 30.55
C ASN D 102 20.89 2.90 30.59
N PHE D 103 22.11 3.40 30.60
CA PHE D 103 22.35 4.83 30.64
C PHE D 103 22.33 5.41 29.23
N PHE D 104 22.52 4.55 28.24
CA PHE D 104 22.41 4.99 26.85
C PHE D 104 22.63 3.85 25.87
N ASP D 105 22.55 4.11 24.55
CA ASP D 105 22.79 3.11 23.48
C ASP D 105 22.76 3.77 22.10
N TYR D 106 23.94 3.99 21.52
CA TYR D 106 24.03 4.76 20.28
C TYR D 106 24.84 4.13 19.14
N TRP D 107 24.29 4.18 17.94
CA TRP D 107 24.94 3.59 16.77
C TRP D 107 25.63 4.64 15.91
N GLY D 108 26.63 4.21 15.15
CA GLY D 108 27.35 5.08 14.24
C GLY D 108 26.53 5.28 12.96
N PRO D 109 27.09 6.02 12.00
CA PRO D 109 26.39 6.29 10.73
C PRO D 109 26.26 5.08 9.81
N GLY D 110 27.31 4.26 9.72
CA GLY D 110 27.28 3.09 8.87
C GLY D 110 28.42 3.04 7.87
N THR D 111 28.70 1.84 7.36
CA THR D 111 29.69 1.68 6.33
C THR D 111 29.06 0.86 5.22
N THR D 112 29.01 1.43 4.02
CA THR D 112 28.54 0.64 2.90
C THR D 112 29.68 -0.25 2.45
N VAL D 113 29.38 -1.51 2.19
CA VAL D 113 30.40 -2.44 1.73
C VAL D 113 29.86 -3.22 0.55
N THR D 114 30.55 -3.09 -0.59
CA THR D 114 30.20 -3.78 -1.81
C THR D 114 31.31 -4.72 -2.25
N VAL D 115 30.97 -6.00 -2.34
CA VAL D 115 31.88 -7.01 -2.83
C VAL D 115 31.62 -7.13 -4.32
N SER D 116 32.64 -6.89 -5.13
CA SER D 116 32.47 -6.94 -6.57
C SER D 116 33.80 -6.80 -7.29
N SER D 117 33.91 -7.46 -8.43
CA SER D 117 35.13 -7.45 -9.24
C SER D 117 35.29 -6.17 -10.06
N ALA D 118 34.17 -5.48 -10.27
CA ALA D 118 34.15 -4.25 -11.06
C ALA D 118 35.03 -3.13 -10.47
N SER D 119 35.34 -2.16 -11.32
CA SER D 119 36.22 -1.05 -10.93
C SER D 119 35.42 0.12 -10.43
N THR D 120 36.04 0.87 -9.53
CA THR D 120 35.45 2.07 -8.98
C THR D 120 35.35 3.10 -10.08
N LYS D 121 34.17 3.70 -10.24
CA LYS D 121 33.94 4.75 -11.22
C LYS D 121 33.24 5.95 -10.59
N GLY D 122 33.76 7.15 -10.84
CA GLY D 122 33.14 8.39 -10.39
C GLY D 122 32.09 8.84 -11.39
N PRO D 123 31.07 9.54 -10.91
CA PRO D 123 29.93 9.93 -11.73
C PRO D 123 30.16 11.12 -12.66
N SER D 124 29.41 11.11 -13.76
CA SER D 124 29.32 12.26 -14.64
C SER D 124 28.11 13.02 -14.13
N VAL D 125 28.27 14.31 -13.88
CA VAL D 125 27.20 15.09 -13.28
C VAL D 125 26.63 16.11 -14.25
N PHE D 126 25.36 15.92 -14.61
CA PHE D 126 24.70 16.79 -15.58
C PHE D 126 23.60 17.64 -14.96
N PRO D 127 23.41 18.84 -15.50
CA PRO D 127 22.39 19.76 -14.98
C PRO D 127 21.00 19.42 -15.51
N LEU D 128 20.00 19.55 -14.63
CA LEU D 128 18.61 19.36 -15.00
C LEU D 128 17.97 20.73 -15.00
N ALA D 129 18.23 21.49 -16.07
CA ALA D 129 17.79 22.89 -16.18
C ALA D 129 16.29 23.14 -16.05
N PRO D 130 15.92 24.08 -15.19
CA PRO D 130 14.51 24.45 -14.96
C PRO D 130 13.78 24.91 -16.21
N THR D 139 6.50 28.81 -8.56
CA THR D 139 7.25 27.58 -8.24
C THR D 139 7.83 26.80 -9.46
N ALA D 140 9.09 26.41 -9.33
CA ALA D 140 9.79 25.71 -10.39
C ALA D 140 10.75 24.67 -9.83
N ALA D 141 11.07 23.68 -10.66
CA ALA D 141 11.97 22.61 -10.25
C ALA D 141 13.23 22.55 -11.07
N LEU D 142 14.34 22.26 -10.42
CA LEU D 142 15.58 22.06 -11.13
C LEU D 142 16.27 20.89 -10.43
N GLY D 143 17.42 20.45 -10.94
CA GLY D 143 18.12 19.34 -10.32
C GLY D 143 19.45 18.98 -10.94
N CYS D 144 19.91 17.77 -10.68
CA CYS D 144 21.18 17.28 -11.20
C CYS D 144 21.12 15.81 -11.57
N LEU D 145 21.66 15.46 -12.73
CA LEU D 145 21.73 14.07 -13.13
C LEU D 145 23.10 13.53 -12.69
N VAL D 146 23.10 12.59 -11.76
CA VAL D 146 24.34 11.96 -11.29
C VAL D 146 24.42 10.55 -11.89
N LYS D 147 25.10 10.43 -13.03
CA LYS D 147 25.04 9.23 -13.85
C LYS D 147 26.33 8.42 -14.03
N ASP D 148 26.19 7.10 -13.92
CA ASP D 148 27.28 6.16 -14.23
C ASP D 148 28.41 6.08 -13.22
N TYR D 149 28.07 5.94 -11.95
CA TYR D 149 29.12 5.85 -10.95
C TYR D 149 29.06 4.50 -10.26
N PHE D 150 30.13 4.13 -9.56
CA PHE D 150 30.20 2.88 -8.83
C PHE D 150 31.43 2.87 -7.92
N PRO D 151 31.27 2.31 -6.73
CA PRO D 151 30.01 1.73 -6.29
C PRO D 151 29.21 2.75 -5.53
N GLU D 152 28.11 2.34 -4.91
CA GLU D 152 27.38 3.21 -4.02
C GLU D 152 28.30 3.36 -2.80
N PRO D 153 28.18 4.47 -2.07
CA PRO D 153 27.15 5.48 -2.29
C PRO D 153 27.70 6.79 -2.86
N VAL D 154 26.79 7.74 -3.00
CA VAL D 154 27.13 9.08 -3.45
C VAL D 154 26.26 10.04 -2.68
N THR D 155 26.87 11.11 -2.16
CA THR D 155 26.12 12.13 -1.45
C THR D 155 25.88 13.34 -2.37
N VAL D 156 24.67 13.91 -2.30
CA VAL D 156 24.37 15.12 -3.06
C VAL D 156 23.82 16.13 -2.09
N SER D 157 24.21 17.38 -2.26
CA SER D 157 23.76 18.45 -1.39
C SER D 157 23.59 19.68 -2.25
N TRP D 158 22.76 20.61 -1.79
CA TRP D 158 22.53 21.83 -2.56
C TRP D 158 23.08 23.08 -1.87
N ASN D 159 23.81 23.86 -2.64
CA ASN D 159 24.42 25.10 -2.17
C ASN D 159 25.28 24.90 -0.93
N SER D 160 26.14 23.87 -0.98
CA SER D 160 27.05 23.60 0.12
C SER D 160 26.31 23.15 1.38
N GLY D 161 25.04 22.75 1.22
CA GLY D 161 24.22 22.34 2.36
C GLY D 161 23.23 23.39 2.86
N ALA D 162 23.30 24.61 2.33
CA ALA D 162 22.43 25.70 2.77
C ALA D 162 20.99 25.51 2.34
N LEU D 163 20.80 24.83 1.20
CA LEU D 163 19.49 24.61 0.63
C LEU D 163 19.00 23.19 0.87
N THR D 164 18.09 23.04 1.81
CA THR D 164 17.59 21.71 2.16
C THR D 164 16.08 21.58 2.02
N SER D 165 15.39 22.71 1.91
CA SER D 165 13.95 22.73 1.71
C SER D 165 13.61 22.35 0.28
N GLY D 166 12.76 21.32 0.14
CA GLY D 166 12.32 20.90 -1.18
C GLY D 166 13.32 20.04 -1.91
N VAL D 167 14.47 19.77 -1.29
CA VAL D 167 15.45 18.87 -1.88
C VAL D 167 14.97 17.43 -1.82
N HIS D 168 14.95 16.77 -2.97
CA HIS D 168 14.59 15.37 -3.07
C HIS D 168 15.72 14.68 -3.83
N THR D 169 16.42 13.77 -3.17
CA THR D 169 17.46 12.98 -3.82
C THR D 169 16.98 11.54 -3.92
N PHE D 170 16.73 11.09 -5.15
CA PHE D 170 16.16 9.75 -5.41
C PHE D 170 17.10 8.57 -5.21
N PRO D 171 16.58 7.49 -4.62
CA PRO D 171 17.34 6.25 -4.47
C PRO D 171 18.00 5.93 -5.81
N ALA D 172 19.24 5.43 -5.77
CA ALA D 172 19.98 5.12 -6.99
C ALA D 172 19.39 3.90 -7.69
N VAL D 173 19.55 3.85 -9.01
CA VAL D 173 19.08 2.71 -9.78
C VAL D 173 20.26 2.04 -10.43
N LEU D 174 20.29 0.71 -10.42
CA LEU D 174 21.34 -0.01 -11.12
C LEU D 174 20.89 -0.23 -12.57
N GLN D 175 21.38 0.62 -13.47
CA GLN D 175 21.06 0.47 -14.89
C GLN D 175 21.84 -0.68 -15.48
N SER D 176 21.37 -1.18 -16.62
CA SER D 176 21.94 -2.38 -17.24
C SER D 176 23.46 -2.39 -17.37
N SER D 177 24.09 -1.23 -17.51
CA SER D 177 25.54 -1.16 -17.68
C SER D 177 26.28 -1.70 -16.46
N GLY D 178 25.55 -1.87 -15.36
CA GLY D 178 26.16 -2.31 -14.11
C GLY D 178 26.62 -1.10 -13.33
N LEU D 179 26.20 0.07 -13.76
CA LEU D 179 26.58 1.31 -13.11
C LEU D 179 25.35 1.97 -12.50
N TYR D 180 25.53 2.71 -11.40
CA TYR D 180 24.43 3.36 -10.70
C TYR D 180 24.06 4.71 -11.30
N SER D 181 22.81 5.12 -11.06
CA SER D 181 22.32 6.41 -11.51
C SER D 181 21.20 6.97 -10.63
N LEU D 182 21.17 8.29 -10.49
CA LEU D 182 20.14 8.96 -9.71
C LEU D 182 20.05 10.46 -10.04
N SER D 183 18.96 11.08 -9.62
CA SER D 183 18.82 12.52 -9.77
C SER D 183 18.50 13.14 -8.43
N SER D 184 19.04 14.33 -8.20
CA SER D 184 18.70 15.11 -7.04
C SER D 184 17.91 16.29 -7.57
N VAL D 185 16.78 16.59 -6.96
CA VAL D 185 15.98 17.73 -7.39
C VAL D 185 15.64 18.62 -6.21
N VAL D 186 15.11 19.78 -6.52
CA VAL D 186 14.69 20.71 -5.49
C VAL D 186 13.69 21.64 -6.14
N THR D 187 12.73 22.15 -5.38
CA THR D 187 11.80 23.12 -5.96
C THR D 187 11.98 24.44 -5.23
N VAL D 188 11.90 25.52 -6.00
CA VAL D 188 12.18 26.85 -5.50
C VAL D 188 11.22 27.83 -6.19
N PRO D 189 11.08 29.04 -5.66
CA PRO D 189 10.21 30.02 -6.32
C PRO D 189 10.72 30.29 -7.74
N SER D 190 9.81 30.53 -8.68
CA SER D 190 10.20 30.89 -10.05
C SER D 190 10.84 32.26 -10.05
N SER D 191 10.37 33.12 -9.16
CA SER D 191 10.91 34.47 -9.05
C SER D 191 12.38 34.46 -8.62
N SER D 192 12.85 33.31 -8.10
CA SER D 192 14.22 33.20 -7.59
C SER D 192 15.22 32.84 -8.66
N LEU D 193 14.76 32.69 -9.90
CA LEU D 193 15.60 32.14 -10.97
C LEU D 193 16.64 33.04 -11.62
N GLY D 194 16.60 34.34 -11.36
CA GLY D 194 17.59 35.24 -11.93
C GLY D 194 18.25 36.09 -10.86
N THR D 195 18.40 35.50 -9.68
CA THR D 195 18.97 36.19 -8.53
C THR D 195 19.62 35.16 -7.61
N GLN D 196 18.99 33.99 -7.47
CA GLN D 196 19.55 32.91 -6.68
C GLN D 196 20.31 32.00 -7.60
N THR D 197 21.61 31.83 -7.36
CA THR D 197 22.38 30.83 -8.09
C THR D 197 22.15 29.50 -7.38
N TYR D 198 22.10 28.41 -8.13
CA TYR D 198 21.86 27.07 -7.58
C TYR D 198 22.96 26.09 -7.98
N ILE D 199 23.69 25.54 -7.01
CA ILE D 199 24.77 24.61 -7.31
C ILE D 199 24.60 23.30 -6.57
N CYS D 200 24.59 22.18 -7.29
CA CYS D 200 24.56 20.91 -6.59
C CYS D 200 26.00 20.46 -6.35
N ASN D 201 26.26 19.93 -5.16
CA ASN D 201 27.61 19.47 -4.83
C ASN D 201 27.64 17.95 -4.65
N VAL D 202 28.37 17.26 -5.52
CA VAL D 202 28.43 15.80 -5.46
C VAL D 202 29.73 15.26 -4.84
N ASN D 203 29.56 14.24 -3.99
CA ASN D 203 30.70 13.54 -3.39
C ASN D 203 30.55 12.04 -3.60
N HIS D 204 31.63 11.44 -4.10
CA HIS D 204 31.69 10.00 -4.33
C HIS D 204 33.00 9.53 -3.71
N LYS D 205 32.99 9.34 -2.40
CA LYS D 205 34.18 8.95 -1.68
C LYS D 205 35.02 7.85 -2.38
N PRO D 206 34.39 6.74 -2.75
CA PRO D 206 35.11 5.58 -3.31
C PRO D 206 36.02 5.89 -4.50
N SER D 207 35.70 6.91 -5.29
CA SER D 207 36.51 7.26 -6.45
C SER D 207 37.16 8.62 -6.26
N ASN D 208 37.14 9.10 -5.01
CA ASN D 208 37.65 10.43 -4.69
C ASN D 208 37.08 11.52 -5.60
N THR D 209 35.90 11.31 -6.16
CA THR D 209 35.32 12.29 -7.07
C THR D 209 34.41 13.34 -6.40
N LYS D 210 34.82 14.60 -6.52
CA LYS D 210 34.06 15.73 -6.01
C LYS D 210 33.80 16.70 -7.15
N VAL D 211 32.54 16.93 -7.50
CA VAL D 211 32.22 17.95 -8.53
C VAL D 211 31.00 18.82 -8.17
N ASP D 212 31.14 20.12 -8.43
CA ASP D 212 30.07 21.09 -8.22
C ASP D 212 29.54 21.52 -9.59
N LYS D 213 28.23 21.57 -9.75
CA LYS D 213 27.63 21.97 -11.02
C LYS D 213 26.57 23.06 -10.83
N LYS D 214 26.76 24.18 -11.53
CA LYS D 214 25.79 25.25 -11.47
C LYS D 214 24.60 24.88 -12.37
N VAL D 215 23.41 24.89 -11.81
CA VAL D 215 22.23 24.60 -12.58
C VAL D 215 21.57 25.93 -12.89
N GLU D 216 21.56 26.32 -14.15
CA GLU D 216 20.98 27.61 -14.53
C GLU D 216 19.94 27.54 -15.67
N PRO D 217 18.94 28.40 -15.58
CA PRO D 217 17.86 28.41 -16.56
C PRO D 217 18.41 28.34 -17.99
N LYS D 218 18.08 27.26 -18.70
CA LYS D 218 18.53 27.06 -20.09
C LYS D 218 17.80 28.00 -21.04
N SER D 219 18.41 28.67 -21.89
O1 KHA E . -30.21 2.90 17.64
C8 KHA E . -30.16 2.32 18.72
N1 KHA E . -31.15 2.40 19.62
C9 KHA E . -32.39 3.16 19.44
C10 KHA E . -33.35 2.76 20.56
O2 KHA E . -33.74 1.41 20.40
C6 KHA E . -28.95 1.49 19.08
C3 KHA E . -28.25 0.83 18.08
C1 KHA E . -27.14 0.05 18.42
C2 KHA E . -28.55 1.36 20.42
C5 KHA E . -27.44 0.58 20.75
C4 KHA E . -26.73 -0.08 19.74
C7 KHA E . -25.53 -0.94 20.09
N2 KHA E . -25.88 -2.39 19.98
C11 KHA E . -26.79 -2.56 18.85
C16 KHA E . -26.65 -2.90 21.14
C15 KHA E . -24.67 -3.19 19.69
C13 KHA E . -23.78 -3.38 20.92
C14 KHA E . -24.58 -4.11 22.00
C12 KHA E . -25.83 -3.30 22.37
P PO4 F . -42.62 4.28 15.82
O1 PO4 F . -41.25 4.83 16.07
O2 PO4 F . -43.62 5.41 15.75
O3 PO4 F . -42.69 3.55 14.49
O4 PO4 F . -42.90 3.35 16.98
P PO4 G . -15.94 13.57 30.03
O1 PO4 G . -15.46 12.60 28.98
O2 PO4 G . -14.95 13.58 31.17
O3 PO4 G . -16.01 14.94 29.43
O4 PO4 G . -17.32 13.20 30.53
P PO4 H . -20.04 1.13 31.76
O1 PO4 H . -18.87 0.40 31.18
O2 PO4 H . -19.67 1.69 33.12
O3 PO4 H . -20.45 2.24 30.84
O4 PO4 H . -21.20 0.19 31.88
P PO4 I . -4.89 -19.71 -12.10
O1 PO4 I . -4.49 -20.00 -13.51
O2 PO4 I . -3.86 -20.25 -11.14
O3 PO4 I . -4.97 -18.23 -11.94
O4 PO4 I . -6.24 -20.30 -11.79
P PO4 J . -6.99 2.91 3.79
O1 PO4 J . -5.65 3.41 3.34
O2 PO4 J . -6.81 2.01 4.99
O3 PO4 J . -7.84 4.09 4.22
O4 PO4 J . -7.61 2.12 2.68
P PO4 K . 6.42 -4.28 4.20
O1 PO4 K . 7.93 -4.27 4.07
O2 PO4 K . 6.05 -3.79 5.57
O3 PO4 K . 5.83 -3.36 3.15
O4 PO4 K . 5.87 -5.68 4.03
O1 KHA L . 27.04 -7.54 21.81
C8 KHA L . 26.61 -7.32 22.94
N1 KHA L . 27.31 -7.67 24.00
C9 KHA L . 28.60 -8.32 24.05
C10 KHA L . 28.90 -8.47 25.54
O2 KHA L . 29.29 -7.22 26.08
C6 KHA L . 25.27 -6.63 23.15
C3 KHA L . 24.60 -5.98 22.11
C1 KHA L . 23.38 -5.36 22.38
C2 KHA L . 24.73 -6.65 24.43
C5 KHA L . 23.52 -6.03 24.68
C4 KHA L . 22.83 -5.37 23.65
C7 KHA L . 21.50 -4.69 23.98
N2 KHA L . 21.80 -3.28 24.41
C11 KHA L . 22.96 -2.83 23.63
C16 KHA L . 22.29 -3.23 25.81
C15 KHA L . 20.72 -2.30 24.10
C13 KHA L . 19.70 -2.02 25.20
C14 KHA L . 20.39 -1.78 26.54
C12 KHA L . 21.23 -3.00 26.88
#